data_1BDO
# 
_entry.id   1BDO 
# 
_audit_conform.dict_name       mmcif_pdbx.dic 
_audit_conform.dict_version    5.397 
_audit_conform.dict_location   http://mmcif.pdb.org/dictionaries/ascii/mmcif_pdbx.dic 
# 
loop_
_database_2.database_id 
_database_2.database_code 
_database_2.pdbx_database_accession 
_database_2.pdbx_DOI 
PDB   1BDO         pdb_00001bdo 10.2210/pdb1bdo/pdb 
WWPDB D_1000171630 ?            ?                   
# 
loop_
_pdbx_audit_revision_history.ordinal 
_pdbx_audit_revision_history.data_content_type 
_pdbx_audit_revision_history.major_revision 
_pdbx_audit_revision_history.minor_revision 
_pdbx_audit_revision_history.revision_date 
1 'Structure model' 1 0 1996-08-01 
2 'Structure model' 1 1 2008-03-24 
3 'Structure model' 1 2 2011-07-13 
4 'Structure model' 1 3 2011-11-16 
5 'Structure model' 1 4 2024-06-05 
6 'Structure model' 1 5 2024-10-23 
# 
_pdbx_audit_revision_details.ordinal             1 
_pdbx_audit_revision_details.revision_ordinal    1 
_pdbx_audit_revision_details.data_content_type   'Structure model' 
_pdbx_audit_revision_details.provider            repository 
_pdbx_audit_revision_details.type                'Initial release' 
_pdbx_audit_revision_details.description         ? 
_pdbx_audit_revision_details.details             ? 
# 
loop_
_pdbx_audit_revision_group.ordinal 
_pdbx_audit_revision_group.revision_ordinal 
_pdbx_audit_revision_group.data_content_type 
_pdbx_audit_revision_group.group 
1 2 'Structure model' 'Version format compliance' 
2 3 'Structure model' 'Version format compliance' 
3 4 'Structure model' 'Atomic model'              
4 5 'Structure model' 'Data collection'           
5 5 'Structure model' 'Database references'       
6 5 'Structure model' 'Derived calculations'      
7 5 'Structure model' Other                       
8 6 'Structure model' 'Structure summary'         
# 
loop_
_pdbx_audit_revision_category.ordinal 
_pdbx_audit_revision_category.revision_ordinal 
_pdbx_audit_revision_category.data_content_type 
_pdbx_audit_revision_category.category 
1 5 'Structure model' chem_comp_atom            
2 5 'Structure model' chem_comp_bond            
3 5 'Structure model' database_2                
4 5 'Structure model' pdbx_database_status      
5 5 'Structure model' struct_conn               
6 5 'Structure model' struct_site               
7 6 'Structure model' pdbx_entry_details        
8 6 'Structure model' pdbx_modification_feature 
# 
loop_
_pdbx_audit_revision_item.ordinal 
_pdbx_audit_revision_item.revision_ordinal 
_pdbx_audit_revision_item.data_content_type 
_pdbx_audit_revision_item.item 
1  5 'Structure model' '_database_2.pdbx_DOI'                         
2  5 'Structure model' '_database_2.pdbx_database_accession'          
3  5 'Structure model' '_pdbx_database_status.process_site'           
4  5 'Structure model' '_struct_conn.pdbx_leaving_atom_flag'          
5  5 'Structure model' '_struct_conn.ptnr1_auth_comp_id'              
6  5 'Structure model' '_struct_conn.ptnr1_auth_seq_id'               
7  5 'Structure model' '_struct_conn.ptnr1_label_asym_id'             
8  5 'Structure model' '_struct_conn.ptnr1_label_atom_id'             
9  5 'Structure model' '_struct_conn.ptnr1_label_comp_id'             
10 5 'Structure model' '_struct_conn.ptnr1_label_seq_id'              
11 5 'Structure model' '_struct_conn.ptnr2_auth_comp_id'              
12 5 'Structure model' '_struct_conn.ptnr2_auth_seq_id'               
13 5 'Structure model' '_struct_conn.ptnr2_label_asym_id'             
14 5 'Structure model' '_struct_conn.ptnr2_label_atom_id'             
15 5 'Structure model' '_struct_conn.ptnr2_label_comp_id'             
16 5 'Structure model' '_struct_conn.ptnr2_label_seq_id'              
17 5 'Structure model' '_struct_site.pdbx_auth_asym_id'               
18 5 'Structure model' '_struct_site.pdbx_auth_comp_id'               
19 5 'Structure model' '_struct_site.pdbx_auth_seq_id'                
20 6 'Structure model' '_pdbx_entry_details.has_protein_modification' 
# 
_pdbx_database_status.status_code                     REL 
_pdbx_database_status.entry_id                        1BDO 
_pdbx_database_status.recvd_initial_deposition_date   1995-11-21 
_pdbx_database_status.deposit_site                    ? 
_pdbx_database_status.process_site                    BNL 
_pdbx_database_status.status_code_sf                  REL 
_pdbx_database_status.status_code_mr                  ? 
_pdbx_database_status.SG_entry                        ? 
_pdbx_database_status.pdb_format_compatible           Y 
_pdbx_database_status.status_code_cs                  ? 
_pdbx_database_status.status_code_nmr_data            ? 
_pdbx_database_status.methods_development_category    ? 
# 
loop_
_audit_author.name 
_audit_author.pdbx_ordinal 
'Athappilly, F.K.'  1 
'Hendrickson, W.A.' 2 
# 
_citation.id                        primary 
_citation.title                     'Structure of the biotinyl domain of acetyl-coenzyme A carboxylase determined by MAD phasing.' 
_citation.journal_abbrev            Structure 
_citation.journal_volume            3 
_citation.page_first                1407 
_citation.page_last                 1419 
_citation.year                      1995 
_citation.journal_id_ASTM           STRUE6 
_citation.country                   UK 
_citation.journal_id_ISSN           0969-2126 
_citation.journal_id_CSD            2005 
_citation.book_publisher            ? 
_citation.pdbx_database_id_PubMed   8747466 
_citation.pdbx_database_id_DOI      '10.1016/S0969-2126(01)00277-5' 
# 
loop_
_citation_author.citation_id 
_citation_author.name 
_citation_author.ordinal 
_citation_author.identifier_ORCID 
primary 'Athappilly, F.K.'  1 ? 
primary 'Hendrickson, W.A.' 2 ? 
# 
loop_
_entity.id 
_entity.type 
_entity.src_method 
_entity.pdbx_description 
_entity.formula_weight 
_entity.pdbx_number_of_molecules 
_entity.pdbx_ec 
_entity.pdbx_mutation 
_entity.pdbx_fragment 
_entity.details 
1 polymer     man 'ACETYL-COA CARBOXYLASE' 8700.017 1  6.4.1.2 ? 'BIOTINYL DOMAIN, RESIDUES 77 - 156' 
'BCCPSC IS OBTAINED BY DIGESTING RECOMBINANT BIOTIN CARBOXYL CARRIER PROTEIN WITH SUBTILISIN CARLSBERG' 
2 non-polymer syn BIOTIN                   244.311  1  ?       ? ?                                    ? 
3 water       nat water                    18.015   74 ?       ? ?                                    ? 
# 
_entity_name_com.entity_id   1 
_entity_name_com.name        'FUNCTIONAL FRAGMENT OF BIOTIN CARBOXYL CARRIER PROTEIN, BCCPSC' 
# 
_entity_poly.entity_id                      1 
_entity_poly.type                           'polypeptide(L)' 
_entity_poly.nstd_linkage                   no 
_entity_poly.nstd_monomer                   no 
_entity_poly.pdbx_seq_one_letter_code       EISGHIVRSPMVGTFYRTPSPDAKAFIEVGQKVNVGDTLCIVEAMKMMNQIEADKSGTVKAILVESGQPVEFDEPLVVIE 
_entity_poly.pdbx_seq_one_letter_code_can   EISGHIVRSPMVGTFYRTPSPDAKAFIEVGQKVNVGDTLCIVEAMKMMNQIEADKSGTVKAILVESGQPVEFDEPLVVIE 
_entity_poly.pdbx_strand_id                 A 
_entity_poly.pdbx_target_identifier         ? 
# 
loop_
_pdbx_entity_nonpoly.entity_id 
_pdbx_entity_nonpoly.name 
_pdbx_entity_nonpoly.comp_id 
2 BIOTIN BTN 
3 water  HOH 
# 
loop_
_entity_poly_seq.entity_id 
_entity_poly_seq.num 
_entity_poly_seq.mon_id 
_entity_poly_seq.hetero 
1 1  GLU n 
1 2  ILE n 
1 3  SER n 
1 4  GLY n 
1 5  HIS n 
1 6  ILE n 
1 7  VAL n 
1 8  ARG n 
1 9  SER n 
1 10 PRO n 
1 11 MET n 
1 12 VAL n 
1 13 GLY n 
1 14 THR n 
1 15 PHE n 
1 16 TYR n 
1 17 ARG n 
1 18 THR n 
1 19 PRO n 
1 20 SER n 
1 21 PRO n 
1 22 ASP n 
1 23 ALA n 
1 24 LYS n 
1 25 ALA n 
1 26 PHE n 
1 27 ILE n 
1 28 GLU n 
1 29 VAL n 
1 30 GLY n 
1 31 GLN n 
1 32 LYS n 
1 33 VAL n 
1 34 ASN n 
1 35 VAL n 
1 36 GLY n 
1 37 ASP n 
1 38 THR n 
1 39 LEU n 
1 40 CYS n 
1 41 ILE n 
1 42 VAL n 
1 43 GLU n 
1 44 ALA n 
1 45 MET n 
1 46 LYS n 
1 47 MET n 
1 48 MET n 
1 49 ASN n 
1 50 GLN n 
1 51 ILE n 
1 52 GLU n 
1 53 ALA n 
1 54 ASP n 
1 55 LYS n 
1 56 SER n 
1 57 GLY n 
1 58 THR n 
1 59 VAL n 
1 60 LYS n 
1 61 ALA n 
1 62 ILE n 
1 63 LEU n 
1 64 VAL n 
1 65 GLU n 
1 66 SER n 
1 67 GLY n 
1 68 GLN n 
1 69 PRO n 
1 70 VAL n 
1 71 GLU n 
1 72 PHE n 
1 73 ASP n 
1 74 GLU n 
1 75 PRO n 
1 76 LEU n 
1 77 VAL n 
1 78 VAL n 
1 79 ILE n 
1 80 GLU n 
# 
_entity_src_gen.entity_id                          1 
_entity_src_gen.pdbx_src_id                        1 
_entity_src_gen.pdbx_alt_source_flag               sample 
_entity_src_gen.pdbx_seq_type                      ? 
_entity_src_gen.pdbx_beg_seq_num                   ? 
_entity_src_gen.pdbx_end_seq_num                   ? 
_entity_src_gen.gene_src_common_name               ? 
_entity_src_gen.gene_src_genus                     Escherichia 
_entity_src_gen.pdbx_gene_src_gene                 'BIOTIN CARBOXYL CARRIER PROTEI' 
_entity_src_gen.gene_src_species                   ? 
_entity_src_gen.gene_src_strain                    ? 
_entity_src_gen.gene_src_tissue                    ? 
_entity_src_gen.gene_src_tissue_fraction           ? 
_entity_src_gen.gene_src_details                   ? 
_entity_src_gen.pdbx_gene_src_fragment             ? 
_entity_src_gen.pdbx_gene_src_scientific_name      'Escherichia coli' 
_entity_src_gen.pdbx_gene_src_ncbi_taxonomy_id     562 
_entity_src_gen.pdbx_gene_src_variant              ? 
_entity_src_gen.pdbx_gene_src_cell_line            ? 
_entity_src_gen.pdbx_gene_src_atcc                 ? 
_entity_src_gen.pdbx_gene_src_organ                ? 
_entity_src_gen.pdbx_gene_src_organelle            ? 
_entity_src_gen.pdbx_gene_src_cell                 ? 
_entity_src_gen.pdbx_gene_src_cellular_location    ? 
_entity_src_gen.host_org_common_name               ? 
_entity_src_gen.pdbx_host_org_scientific_name      'Escherichia coli' 
_entity_src_gen.pdbx_host_org_ncbi_taxonomy_id     562 
_entity_src_gen.host_org_genus                     Escherichia 
_entity_src_gen.pdbx_host_org_gene                 'BIOTIN CARBOXYL CARRIER PROTEIN' 
_entity_src_gen.pdbx_host_org_organ                ? 
_entity_src_gen.host_org_species                   ? 
_entity_src_gen.pdbx_host_org_tissue               ? 
_entity_src_gen.pdbx_host_org_tissue_fraction      ? 
_entity_src_gen.pdbx_host_org_strain               'BL21(DE3)PLYSS' 
_entity_src_gen.pdbx_host_org_variant              ? 
_entity_src_gen.pdbx_host_org_cell_line            ? 
_entity_src_gen.pdbx_host_org_atcc                 ? 
_entity_src_gen.pdbx_host_org_culture_collection   ? 
_entity_src_gen.pdbx_host_org_cell                 ? 
_entity_src_gen.pdbx_host_org_organelle            ? 
_entity_src_gen.pdbx_host_org_cellular_location    ? 
_entity_src_gen.pdbx_host_org_vector_type          ? 
_entity_src_gen.pdbx_host_org_vector               ? 
_entity_src_gen.host_org_details                   ? 
_entity_src_gen.expression_system_id               ? 
_entity_src_gen.plasmid_name                       PRSETB 
_entity_src_gen.plasmid_details                    ? 
_entity_src_gen.pdbx_description                   
'THE FRAGMENT BCCPSC, RESIDUES 77-156, IS OBTAINED BY DIGESTING THE EXPRESSED RECOMBINANT PROTEIN WITH SUBTILISIN CARLSBERG' 
# 
loop_
_chem_comp.id 
_chem_comp.type 
_chem_comp.mon_nstd_flag 
_chem_comp.name 
_chem_comp.pdbx_synonyms 
_chem_comp.formula 
_chem_comp.formula_weight 
ALA 'L-peptide linking' y ALANINE         ? 'C3 H7 N O2'      89.093  
ARG 'L-peptide linking' y ARGININE        ? 'C6 H15 N4 O2 1'  175.209 
ASN 'L-peptide linking' y ASPARAGINE      ? 'C4 H8 N2 O3'     132.118 
ASP 'L-peptide linking' y 'ASPARTIC ACID' ? 'C4 H7 N O4'      133.103 
BTN non-polymer         . BIOTIN          ? 'C10 H16 N2 O3 S' 244.311 
CYS 'L-peptide linking' y CYSTEINE        ? 'C3 H7 N O2 S'    121.158 
GLN 'L-peptide linking' y GLUTAMINE       ? 'C5 H10 N2 O3'    146.144 
GLU 'L-peptide linking' y 'GLUTAMIC ACID' ? 'C5 H9 N O4'      147.129 
GLY 'peptide linking'   y GLYCINE         ? 'C2 H5 N O2'      75.067  
HIS 'L-peptide linking' y HISTIDINE       ? 'C6 H10 N3 O2 1'  156.162 
HOH non-polymer         . WATER           ? 'H2 O'            18.015  
ILE 'L-peptide linking' y ISOLEUCINE      ? 'C6 H13 N O2'     131.173 
LEU 'L-peptide linking' y LEUCINE         ? 'C6 H13 N O2'     131.173 
LYS 'L-peptide linking' y LYSINE          ? 'C6 H15 N2 O2 1'  147.195 
MET 'L-peptide linking' y METHIONINE      ? 'C5 H11 N O2 S'   149.211 
PHE 'L-peptide linking' y PHENYLALANINE   ? 'C9 H11 N O2'     165.189 
PRO 'L-peptide linking' y PROLINE         ? 'C5 H9 N O2'      115.130 
SER 'L-peptide linking' y SERINE          ? 'C3 H7 N O3'      105.093 
THR 'L-peptide linking' y THREONINE       ? 'C4 H9 N O3'      119.119 
TYR 'L-peptide linking' y TYROSINE        ? 'C9 H11 N O3'     181.189 
VAL 'L-peptide linking' y VALINE          ? 'C5 H11 N O2'     117.146 
# 
loop_
_pdbx_poly_seq_scheme.asym_id 
_pdbx_poly_seq_scheme.entity_id 
_pdbx_poly_seq_scheme.seq_id 
_pdbx_poly_seq_scheme.mon_id 
_pdbx_poly_seq_scheme.ndb_seq_num 
_pdbx_poly_seq_scheme.pdb_seq_num 
_pdbx_poly_seq_scheme.auth_seq_num 
_pdbx_poly_seq_scheme.pdb_mon_id 
_pdbx_poly_seq_scheme.auth_mon_id 
_pdbx_poly_seq_scheme.pdb_strand_id 
_pdbx_poly_seq_scheme.pdb_ins_code 
_pdbx_poly_seq_scheme.hetero 
A 1 1  GLU 1  77  77  GLU GLU A . n 
A 1 2  ILE 2  78  78  ILE ILE A . n 
A 1 3  SER 3  79  79  SER SER A . n 
A 1 4  GLY 4  80  80  GLY GLY A . n 
A 1 5  HIS 5  81  81  HIS HIS A . n 
A 1 6  ILE 6  82  82  ILE ILE A . n 
A 1 7  VAL 7  83  83  VAL VAL A . n 
A 1 8  ARG 8  84  84  ARG ARG A . n 
A 1 9  SER 9  85  85  SER SER A . n 
A 1 10 PRO 10 86  86  PRO PRO A . n 
A 1 11 MET 11 87  87  MET MET A . n 
A 1 12 VAL 12 88  88  VAL VAL A . n 
A 1 13 GLY 13 89  89  GLY GLY A . n 
A 1 14 THR 14 90  90  THR THR A . n 
A 1 15 PHE 15 91  91  PHE PHE A . n 
A 1 16 TYR 16 92  92  TYR TYR A . n 
A 1 17 ARG 17 93  93  ARG ARG A . n 
A 1 18 THR 18 94  94  THR THR A . n 
A 1 19 PRO 19 95  95  PRO PRO A . n 
A 1 20 SER 20 96  96  SER SER A . n 
A 1 21 PRO 21 97  97  PRO PRO A . n 
A 1 22 ASP 22 98  98  ASP ASP A . n 
A 1 23 ALA 23 99  99  ALA ALA A . n 
A 1 24 LYS 24 100 100 LYS LYS A . n 
A 1 25 ALA 25 101 101 ALA ALA A . n 
A 1 26 PHE 26 102 102 PHE PHE A . n 
A 1 27 ILE 27 103 103 ILE ILE A . n 
A 1 28 GLU 28 104 104 GLU GLU A . n 
A 1 29 VAL 29 105 105 VAL VAL A . n 
A 1 30 GLY 30 106 106 GLY GLY A . n 
A 1 31 GLN 31 107 107 GLN GLN A . n 
A 1 32 LYS 32 108 108 LYS LYS A . n 
A 1 33 VAL 33 109 109 VAL VAL A . n 
A 1 34 ASN 34 110 110 ASN ASN A . n 
A 1 35 VAL 35 111 111 VAL VAL A . n 
A 1 36 GLY 36 112 112 GLY GLY A . n 
A 1 37 ASP 37 113 113 ASP ASP A . n 
A 1 38 THR 38 114 114 THR THR A . n 
A 1 39 LEU 39 115 115 LEU LEU A . n 
A 1 40 CYS 40 116 116 CYS CYS A . n 
A 1 41 ILE 41 117 117 ILE ILE A . n 
A 1 42 VAL 42 118 118 VAL VAL A . n 
A 1 43 GLU 43 119 119 GLU GLU A . n 
A 1 44 ALA 44 120 120 ALA ALA A . n 
A 1 45 MET 45 121 121 MET MET A . n 
A 1 46 LYS 46 122 122 LYS LYS A . n 
A 1 47 MET 47 123 123 MET MET A . n 
A 1 48 MET 48 124 124 MET MET A . n 
A 1 49 ASN 49 125 125 ASN ASN A . n 
A 1 50 GLN 50 126 126 GLN GLN A . n 
A 1 51 ILE 51 127 127 ILE ILE A . n 
A 1 52 GLU 52 128 128 GLU GLU A . n 
A 1 53 ALA 53 129 129 ALA ALA A . n 
A 1 54 ASP 54 130 130 ASP ASP A . n 
A 1 55 LYS 55 131 131 LYS LYS A . n 
A 1 56 SER 56 132 132 SER SER A . n 
A 1 57 GLY 57 133 133 GLY GLY A . n 
A 1 58 THR 58 134 134 THR THR A . n 
A 1 59 VAL 59 135 135 VAL VAL A . n 
A 1 60 LYS 60 136 136 LYS LYS A . n 
A 1 61 ALA 61 137 137 ALA ALA A . n 
A 1 62 ILE 62 138 138 ILE ILE A . n 
A 1 63 LEU 63 139 139 LEU LEU A . n 
A 1 64 VAL 64 140 140 VAL VAL A . n 
A 1 65 GLU 65 141 141 GLU GLU A . n 
A 1 66 SER 66 142 142 SER SER A . n 
A 1 67 GLY 67 143 143 GLY GLY A . n 
A 1 68 GLN 68 144 144 GLN GLN A . n 
A 1 69 PRO 69 145 145 PRO PRO A . n 
A 1 70 VAL 70 146 146 VAL VAL A . n 
A 1 71 GLU 71 147 147 GLU GLU A . n 
A 1 72 PHE 72 148 148 PHE PHE A . n 
A 1 73 ASP 73 149 149 ASP ASP A . n 
A 1 74 GLU 74 150 150 GLU GLU A . n 
A 1 75 PRO 75 151 151 PRO PRO A . n 
A 1 76 LEU 76 152 152 LEU LEU A . n 
A 1 77 VAL 77 153 153 VAL VAL A . n 
A 1 78 VAL 78 154 154 VAL VAL A . n 
A 1 79 ILE 79 155 155 ILE ILE A . n 
A 1 80 GLU 80 156 156 GLU GLU A . n 
# 
loop_
_pdbx_nonpoly_scheme.asym_id 
_pdbx_nonpoly_scheme.entity_id 
_pdbx_nonpoly_scheme.mon_id 
_pdbx_nonpoly_scheme.ndb_seq_num 
_pdbx_nonpoly_scheme.pdb_seq_num 
_pdbx_nonpoly_scheme.auth_seq_num 
_pdbx_nonpoly_scheme.pdb_mon_id 
_pdbx_nonpoly_scheme.auth_mon_id 
_pdbx_nonpoly_scheme.pdb_strand_id 
_pdbx_nonpoly_scheme.pdb_ins_code 
B 2 BTN 1  157 122 BTN BTN A . 
C 3 HOH 1  201 201 HOH HOH A . 
C 3 HOH 2  202 202 HOH HOH A . 
C 3 HOH 3  203 203 HOH HOH A . 
C 3 HOH 4  204 204 HOH HOH A . 
C 3 HOH 5  206 206 HOH HOH A . 
C 3 HOH 6  207 207 HOH HOH A . 
C 3 HOH 7  209 209 HOH HOH A . 
C 3 HOH 8  210 210 HOH HOH A . 
C 3 HOH 9  213 213 HOH HOH A . 
C 3 HOH 10 214 214 HOH HOH A . 
C 3 HOH 11 215 215 HOH HOH A . 
C 3 HOH 12 216 216 HOH HOH A . 
C 3 HOH 13 217 217 HOH HOH A . 
C 3 HOH 14 218 218 HOH HOH A . 
C 3 HOH 15 220 220 HOH HOH A . 
C 3 HOH 16 222 222 HOH HOH A . 
C 3 HOH 17 223 223 HOH HOH A . 
C 3 HOH 18 224 224 HOH HOH A . 
C 3 HOH 19 226 226 HOH HOH A . 
C 3 HOH 20 227 227 HOH HOH A . 
C 3 HOH 21 229 229 HOH HOH A . 
C 3 HOH 22 231 231 HOH HOH A . 
C 3 HOH 23 236 236 HOH HOH A . 
C 3 HOH 24 251 251 HOH HOH A . 
C 3 HOH 25 252 252 HOH HOH A . 
C 3 HOH 26 254 254 HOH HOH A . 
C 3 HOH 27 255 255 HOH HOH A . 
C 3 HOH 28 257 257 HOH HOH A . 
C 3 HOH 29 258 258 HOH HOH A . 
C 3 HOH 30 260 260 HOH HOH A . 
C 3 HOH 31 261 261 HOH HOH A . 
C 3 HOH 32 262 262 HOH HOH A . 
C 3 HOH 33 263 263 HOH HOH A . 
C 3 HOH 34 264 264 HOH HOH A . 
C 3 HOH 35 265 265 HOH HOH A . 
C 3 HOH 36 266 266 HOH HOH A . 
C 3 HOH 37 267 267 HOH HOH A . 
C 3 HOH 38 270 270 HOH HOH A . 
C 3 HOH 39 271 271 HOH HOH A . 
C 3 HOH 40 272 272 HOH HOH A . 
C 3 HOH 41 274 274 HOH HOH A . 
C 3 HOH 42 276 276 HOH HOH A . 
C 3 HOH 43 279 279 HOH HOH A . 
C 3 HOH 44 282 282 HOH HOH A . 
C 3 HOH 45 302 302 HOH HOH A . 
C 3 HOH 46 303 303 HOH HOH A . 
C 3 HOH 47 304 304 HOH HOH A . 
C 3 HOH 48 305 305 HOH HOH A . 
C 3 HOH 49 306 306 HOH HOH A . 
C 3 HOH 50 308 308 HOH HOH A . 
C 3 HOH 51 309 309 HOH HOH A . 
C 3 HOH 52 311 311 HOH HOH A . 
C 3 HOH 53 312 312 HOH HOH A . 
C 3 HOH 54 314 314 HOH HOH A . 
C 3 HOH 55 316 316 HOH HOH A . 
C 3 HOH 56 317 317 HOH HOH A . 
C 3 HOH 57 321 321 HOH HOH A . 
C 3 HOH 58 322 322 HOH HOH A . 
C 3 HOH 59 323 323 HOH HOH A . 
C 3 HOH 60 326 326 HOH HOH A . 
C 3 HOH 61 327 327 HOH HOH A . 
C 3 HOH 62 328 328 HOH HOH A . 
C 3 HOH 63 329 329 HOH HOH A . 
C 3 HOH 64 330 330 HOH HOH A . 
C 3 HOH 65 331 331 HOH HOH A . 
C 3 HOH 66 334 334 HOH HOH A . 
C 3 HOH 67 335 335 HOH HOH A . 
C 3 HOH 68 336 336 HOH HOH A . 
C 3 HOH 69 337 337 HOH HOH A . 
C 3 HOH 70 339 339 HOH HOH A . 
C 3 HOH 71 340 340 HOH HOH A . 
C 3 HOH 72 351 351 HOH HOH A . 
C 3 HOH 73 353 353 HOH HOH A . 
C 3 HOH 74 354 354 HOH HOH A . 
# 
loop_
_software.name 
_software.classification 
_software.version 
_software.citation_id 
_software.pdbx_ordinal 
X-PLOR 'model building' . ? 1 
X-PLOR refinement       . ? 2 
DENZO  'data reduction' . ? 3 
X-PLOR phasing          . ? 4 
# 
_cell.entry_id           1BDO 
_cell.length_a           65.460 
_cell.length_b           37.260 
_cell.length_c           35.450 
_cell.angle_alpha        90.00 
_cell.angle_beta         90.00 
_cell.angle_gamma        90.00 
_cell.Z_PDB              4 
_cell.pdbx_unique_axis   ? 
# 
_symmetry.entry_id                         1BDO 
_symmetry.space_group_name_H-M             'P 21 21 2' 
_symmetry.pdbx_full_space_group_name_H-M   ? 
_symmetry.cell_setting                     ? 
_symmetry.Int_Tables_number                18 
# 
_exptl.entry_id          1BDO 
_exptl.method            'X-RAY DIFFRACTION' 
_exptl.crystals_number   ? 
# 
_exptl_crystal.id                    1 
_exptl_crystal.density_meas          ? 
_exptl_crystal.density_Matthews      2.48 
_exptl_crystal.density_percent_sol   49. 
_exptl_crystal.description           ? 
# 
_diffrn.id                     1 
_diffrn.ambient_temp           ? 
_diffrn.ambient_temp_details   ? 
_diffrn.crystal_id             1 
# 
_diffrn_detector.diffrn_id              1 
_diffrn_detector.detector               'IMAGE PLATE' 
_diffrn_detector.type                   FUJI 
_diffrn_detector.pdbx_collection_date   1993-08-29 
_diffrn_detector.details                ? 
# 
_diffrn_radiation.diffrn_id                        1 
_diffrn_radiation.wavelength_id                    1 
_diffrn_radiation.pdbx_monochromatic_or_laue_m_l   M 
_diffrn_radiation.monochromator                    CRYSTAL 
_diffrn_radiation.pdbx_diffrn_protocol             ? 
_diffrn_radiation.pdbx_scattering_type             x-ray 
# 
_diffrn_radiation_wavelength.id           1 
_diffrn_radiation_wavelength.wavelength   0.9803 
_diffrn_radiation_wavelength.wt           1.0 
# 
_diffrn_source.diffrn_id                   1 
_diffrn_source.source                      SYNCHROTRON 
_diffrn_source.type                        'NSLS BEAMLINE X4A' 
_diffrn_source.pdbx_synchrotron_site       NSLS 
_diffrn_source.pdbx_synchrotron_beamline   X4A 
_diffrn_source.pdbx_wavelength             0.9803 
_diffrn_source.pdbx_wavelength_list        ? 
# 
_reflns.entry_id                     1BDO 
_reflns.observed_criterion_sigma_I   ? 
_reflns.observed_criterion_sigma_F   ? 
_reflns.d_resolution_low             ? 
_reflns.d_resolution_high            ? 
_reflns.number_obs                   14891 
_reflns.number_all                   ? 
_reflns.percent_possible_obs         96.4 
_reflns.pdbx_Rmerge_I_obs            0.0320000 
_reflns.pdbx_Rsym_value              ? 
_reflns.pdbx_netI_over_sigmaI        ? 
_reflns.B_iso_Wilson_estimate        ? 
_reflns.pdbx_redundancy              1.9 
_reflns.pdbx_diffrn_id               1 
_reflns.pdbx_ordinal                 1 
# 
_refine.entry_id                                 1BDO 
_refine.ls_number_reflns_obs                     14311 
_refine.ls_number_reflns_all                     ? 
_refine.pdbx_ls_sigma_I                          ? 
_refine.pdbx_ls_sigma_F                          2.0 
_refine.pdbx_data_cutoff_high_absF               ? 
_refine.pdbx_data_cutoff_low_absF                ? 
_refine.pdbx_data_cutoff_high_rms_absF           ? 
_refine.ls_d_res_low                             10.0 
_refine.ls_d_res_high                            1.8 
_refine.ls_percent_reflns_obs                    ? 
_refine.ls_R_factor_obs                          0.1890000 
_refine.ls_R_factor_all                          ? 
_refine.ls_R_factor_R_work                       0.1890000 
_refine.ls_R_factor_R_free                       ? 
_refine.ls_R_factor_R_free_error                 ? 
_refine.ls_R_factor_R_free_error_details         ? 
_refine.ls_percent_reflns_R_free                 ? 
_refine.ls_number_reflns_R_free                  ? 
_refine.ls_number_parameters                     ? 
_refine.ls_number_restraints                     ? 
_refine.occupancy_min                            ? 
_refine.occupancy_max                            ? 
_refine.B_iso_mean                               17.0 
_refine.aniso_B[1][1]                            ? 
_refine.aniso_B[2][2]                            ? 
_refine.aniso_B[3][3]                            ? 
_refine.aniso_B[1][2]                            ? 
_refine.aniso_B[1][3]                            ? 
_refine.aniso_B[2][3]                            ? 
_refine.solvent_model_details                    ? 
_refine.solvent_model_param_ksol                 ? 
_refine.solvent_model_param_bsol                 ? 
_refine.pdbx_ls_cross_valid_method               ? 
_refine.details                                  ? 
_refine.pdbx_starting_model                      ? 
_refine.pdbx_method_to_determine_struct          
'A MODIFIED MAD PROCEDURE. SOFTWARE USED : NULL STARTING MODEL FOR MOLECULAR REPLACEMENT: NULL' 
_refine.pdbx_isotropic_thermal_model             ? 
_refine.pdbx_stereochemistry_target_values       ? 
_refine.pdbx_stereochem_target_val_spec_case     ? 
_refine.pdbx_R_Free_selection_details            ? 
_refine.pdbx_overall_ESU_R                       ? 
_refine.pdbx_overall_ESU_R_Free                  ? 
_refine.overall_SU_ML                            ? 
_refine.overall_SU_B                             ? 
_refine.pdbx_refine_id                           'X-RAY DIFFRACTION' 
_refine.pdbx_diffrn_id                           1 
_refine.pdbx_TLS_residual_ADP_flag               ? 
_refine.correlation_coeff_Fo_to_Fc               ? 
_refine.correlation_coeff_Fo_to_Fc_free          ? 
_refine.pdbx_solvent_vdw_probe_radii             ? 
_refine.pdbx_solvent_ion_probe_radii             ? 
_refine.pdbx_solvent_shrinkage_radii             ? 
_refine.pdbx_overall_phase_error                 ? 
_refine.overall_SU_R_Cruickshank_DPI             ? 
_refine.pdbx_overall_SU_R_free_Cruickshank_DPI   ? 
_refine.pdbx_overall_SU_R_Blow_DPI               ? 
_refine.pdbx_overall_SU_R_free_Blow_DPI          ? 
# 
_refine_hist.pdbx_refine_id                   'X-RAY DIFFRACTION' 
_refine_hist.cycle_id                         LAST 
_refine_hist.pdbx_number_atoms_protein        615 
_refine_hist.pdbx_number_atoms_nucleic_acid   0 
_refine_hist.pdbx_number_atoms_ligand         15 
_refine_hist.number_atoms_solvent             74 
_refine_hist.number_atoms_total               704 
_refine_hist.d_res_high                       1.8 
_refine_hist.d_res_low                        10.0 
# 
loop_
_refine_ls_restr.type 
_refine_ls_restr.dev_ideal 
_refine_ls_restr.dev_ideal_target 
_refine_ls_restr.weight 
_refine_ls_restr.number 
_refine_ls_restr.pdbx_refine_id 
_refine_ls_restr.pdbx_restraint_function 
x_bond_d                0.007 ? ? ? 'X-RAY DIFFRACTION' ? 
x_bond_d_na             ?     ? ? ? 'X-RAY DIFFRACTION' ? 
x_bond_d_prot           ?     ? ? ? 'X-RAY DIFFRACTION' ? 
x_angle_d               ?     ? ? ? 'X-RAY DIFFRACTION' ? 
x_angle_d_na            ?     ? ? ? 'X-RAY DIFFRACTION' ? 
x_angle_d_prot          ?     ? ? ? 'X-RAY DIFFRACTION' ? 
x_angle_deg             1.54  ? ? ? 'X-RAY DIFFRACTION' ? 
x_angle_deg_na          ?     ? ? ? 'X-RAY DIFFRACTION' ? 
x_angle_deg_prot        ?     ? ? ? 'X-RAY DIFFRACTION' ? 
x_dihedral_angle_d      ?     ? ? ? 'X-RAY DIFFRACTION' ? 
x_dihedral_angle_d_na   ?     ? ? ? 'X-RAY DIFFRACTION' ? 
x_dihedral_angle_d_prot ?     ? ? ? 'X-RAY DIFFRACTION' ? 
x_improper_angle_d      ?     ? ? ? 'X-RAY DIFFRACTION' ? 
x_improper_angle_d_na   ?     ? ? ? 'X-RAY DIFFRACTION' ? 
x_improper_angle_d_prot ?     ? ? ? 'X-RAY DIFFRACTION' ? 
x_mcbond_it             1.9   ? ? ? 'X-RAY DIFFRACTION' ? 
x_mcangle_it            ?     ? ? ? 'X-RAY DIFFRACTION' ? 
x_scbond_it             4.0   ? ? ? 'X-RAY DIFFRACTION' ? 
x_scangle_it            ?     ? ? ? 'X-RAY DIFFRACTION' ? 
# 
loop_
_pdbx_xplor_file.serial_no 
_pdbx_xplor_file.param_file 
_pdbx_xplor_file.topol_file 
_pdbx_xplor_file.pdbx_refine_id 
1 'ENGH AND HUBER (1991)' ? 'X-RAY DIFFRACTION' 
2 ?                       ? 'X-RAY DIFFRACTION' 
# 
_struct.entry_id                  1BDO 
_struct.title                     'STRUCTURE OF THE BIOTINYL DOMAIN OF ACETYL-COENZYME A CARBOXYLASE DETERMINED BY MAD PHASING' 
_struct.pdbx_model_details        ? 
_struct.pdbx_CASP_flag            ? 
_struct.pdbx_model_type_details   ? 
# 
_struct_keywords.entry_id        1BDO 
_struct_keywords.pdbx_keywords   TRANSFERASE 
_struct_keywords.text            
'BCCPSC, CARBOXYL TRANSFERASE, FATTY ACID BIOSYNTHESIS, HAMMERHEAD STRUCTURE, SELENOMETHIONINE, LIGASE, TRANSFERASE' 
# 
loop_
_struct_asym.id 
_struct_asym.pdbx_blank_PDB_chainid_flag 
_struct_asym.pdbx_modified 
_struct_asym.entity_id 
_struct_asym.details 
A N N 1 ? 
B N N 2 ? 
C N N 3 ? 
# 
_struct_ref.id                         1 
_struct_ref.db_name                    UNP 
_struct_ref.db_code                    BCCP_ECOLI 
_struct_ref.entity_id                  1 
_struct_ref.pdbx_db_accession          P0ABD8 
_struct_ref.pdbx_align_begin           1 
_struct_ref.pdbx_seq_one_letter_code   
;MDIRKIKKLIELVEESGISELEISEGEESVRISRAAPAASFPVMQQAYAAPMMQQPAQSNAAAPATVPSMEAPAAAEISG
HIVRSPMVGTFYRTPSPDAKAFIEVGQKVNVGDTLCIVEAMKMMNQIEADKSGTVKAILVESGQPVEFDEPLVVIE
;
_struct_ref.pdbx_db_isoform            ? 
# 
_struct_ref_seq.align_id                      1 
_struct_ref_seq.ref_id                        1 
_struct_ref_seq.pdbx_PDB_id_code              1BDO 
_struct_ref_seq.pdbx_strand_id                A 
_struct_ref_seq.seq_align_beg                 1 
_struct_ref_seq.pdbx_seq_align_beg_ins_code   ? 
_struct_ref_seq.seq_align_end                 80 
_struct_ref_seq.pdbx_seq_align_end_ins_code   ? 
_struct_ref_seq.pdbx_db_accession             P0ABD8 
_struct_ref_seq.db_align_beg                  77 
_struct_ref_seq.pdbx_db_align_beg_ins_code    ? 
_struct_ref_seq.db_align_end                  156 
_struct_ref_seq.pdbx_db_align_end_ins_code    ? 
_struct_ref_seq.pdbx_auth_seq_align_beg       77 
_struct_ref_seq.pdbx_auth_seq_align_end       156 
# 
_pdbx_struct_assembly.id                   1 
_pdbx_struct_assembly.details              author_defined_assembly 
_pdbx_struct_assembly.method_details       ? 
_pdbx_struct_assembly.oligomeric_details   dimeric 
_pdbx_struct_assembly.oligomeric_count     2 
# 
_pdbx_struct_assembly_gen.assembly_id       1 
_pdbx_struct_assembly_gen.oper_expression   1,2 
_pdbx_struct_assembly_gen.asym_id_list      A,B,C 
# 
loop_
_pdbx_struct_oper_list.id 
_pdbx_struct_oper_list.type 
_pdbx_struct_oper_list.name 
_pdbx_struct_oper_list.symmetry_operation 
_pdbx_struct_oper_list.matrix[1][1] 
_pdbx_struct_oper_list.matrix[1][2] 
_pdbx_struct_oper_list.matrix[1][3] 
_pdbx_struct_oper_list.vector[1] 
_pdbx_struct_oper_list.matrix[2][1] 
_pdbx_struct_oper_list.matrix[2][2] 
_pdbx_struct_oper_list.matrix[2][3] 
_pdbx_struct_oper_list.vector[2] 
_pdbx_struct_oper_list.matrix[3][1] 
_pdbx_struct_oper_list.matrix[3][2] 
_pdbx_struct_oper_list.matrix[3][3] 
_pdbx_struct_oper_list.vector[3] 
1 'identity operation'         1_555 x,y,z     1.0000000000  0.0000000000  0.0000000000  0.0000000000   0.0000000000  1.0000000000  0.0000000000 0.0000000000  0.0000000000  0.0000000000 1.0000000000 0.0000000000  
2 'crystal symmetry operation' 2_565 -x,-y+1,z -0.9944518273 -0.0382380907 -0.0979969983 -15.2994797459 -0.0382380907 -0.7364624984 0.6753967996 13.0882998025 -0.0979969983 0.6753967996 0.7309143257 -5.9732008314 
# 
_struct_biol.id   1 
# 
_struct_conn.id                            covale1 
_struct_conn.conn_type_id                  covale 
_struct_conn.pdbx_leaving_atom_flag        one 
_struct_conn.pdbx_PDB_id                   ? 
_struct_conn.ptnr1_label_asym_id           A 
_struct_conn.ptnr1_label_comp_id           LYS 
_struct_conn.ptnr1_label_seq_id            46 
_struct_conn.ptnr1_label_atom_id           NZ 
_struct_conn.pdbx_ptnr1_label_alt_id       ? 
_struct_conn.pdbx_ptnr1_PDB_ins_code       ? 
_struct_conn.pdbx_ptnr1_standard_comp_id   ? 
_struct_conn.ptnr1_symmetry                1_555 
_struct_conn.ptnr2_label_asym_id           B 
_struct_conn.ptnr2_label_comp_id           BTN 
_struct_conn.ptnr2_label_seq_id            . 
_struct_conn.ptnr2_label_atom_id           C11 
_struct_conn.pdbx_ptnr2_label_alt_id       ? 
_struct_conn.pdbx_ptnr2_PDB_ins_code       ? 
_struct_conn.ptnr1_auth_asym_id            A 
_struct_conn.ptnr1_auth_comp_id            LYS 
_struct_conn.ptnr1_auth_seq_id             122 
_struct_conn.ptnr2_auth_asym_id            A 
_struct_conn.ptnr2_auth_comp_id            BTN 
_struct_conn.ptnr2_auth_seq_id             157 
_struct_conn.ptnr2_symmetry                1_555 
_struct_conn.pdbx_ptnr3_label_atom_id      ? 
_struct_conn.pdbx_ptnr3_label_seq_id       ? 
_struct_conn.pdbx_ptnr3_label_comp_id      ? 
_struct_conn.pdbx_ptnr3_label_asym_id      ? 
_struct_conn.pdbx_ptnr3_label_alt_id       ? 
_struct_conn.pdbx_ptnr3_PDB_ins_code       ? 
_struct_conn.details                       ? 
_struct_conn.pdbx_dist_value               1.329 
_struct_conn.pdbx_value_order              ? 
_struct_conn.pdbx_role                     ? 
# 
_struct_conn_type.id          covale 
_struct_conn_type.criteria    ? 
_struct_conn_type.reference   ? 
# 
_pdbx_modification_feature.ordinal                            1 
_pdbx_modification_feature.label_comp_id                      BTN 
_pdbx_modification_feature.label_asym_id                      B 
_pdbx_modification_feature.label_seq_id                       . 
_pdbx_modification_feature.label_alt_id                       ? 
_pdbx_modification_feature.modified_residue_label_comp_id     LYS 
_pdbx_modification_feature.modified_residue_label_asym_id     A 
_pdbx_modification_feature.modified_residue_label_seq_id      46 
_pdbx_modification_feature.modified_residue_label_alt_id      ? 
_pdbx_modification_feature.auth_comp_id                       BTN 
_pdbx_modification_feature.auth_asym_id                       A 
_pdbx_modification_feature.auth_seq_id                        157 
_pdbx_modification_feature.PDB_ins_code                       ? 
_pdbx_modification_feature.symmetry                           1_555 
_pdbx_modification_feature.modified_residue_auth_comp_id      LYS 
_pdbx_modification_feature.modified_residue_auth_asym_id      A 
_pdbx_modification_feature.modified_residue_auth_seq_id       122 
_pdbx_modification_feature.modified_residue_PDB_ins_code      ? 
_pdbx_modification_feature.modified_residue_symmetry          1_555 
_pdbx_modification_feature.comp_id_linking_atom               C11 
_pdbx_modification_feature.modified_residue_id_linking_atom   NZ 
_pdbx_modification_feature.modified_residue_id                LYS 
_pdbx_modification_feature.ref_pcm_id                         1 
_pdbx_modification_feature.ref_comp_id                        BTN 
_pdbx_modification_feature.type                               Biotinylation 
_pdbx_modification_feature.category                           Biotin 
# 
loop_
_struct_sheet.id 
_struct_sheet.type 
_struct_sheet.number_strands 
_struct_sheet.details 
A ? 3 ? 
B ? 3 ? 
# 
loop_
_struct_sheet_order.sheet_id 
_struct_sheet_order.range_id_1 
_struct_sheet_order.range_id_2 
_struct_sheet_order.offset 
_struct_sheet_order.sense 
A 1 2 ? anti-parallel 
A 2 3 ? anti-parallel 
B 1 2 ? anti-parallel 
B 2 3 ? anti-parallel 
# 
loop_
_struct_sheet_range.sheet_id 
_struct_sheet_range.id 
_struct_sheet_range.beg_label_comp_id 
_struct_sheet_range.beg_label_asym_id 
_struct_sheet_range.beg_label_seq_id 
_struct_sheet_range.pdbx_beg_PDB_ins_code 
_struct_sheet_range.end_label_comp_id 
_struct_sheet_range.end_label_asym_id 
_struct_sheet_range.end_label_seq_id 
_struct_sheet_range.pdbx_end_PDB_ins_code 
_struct_sheet_range.beg_auth_comp_id 
_struct_sheet_range.beg_auth_asym_id 
_struct_sheet_range.beg_auth_seq_id 
_struct_sheet_range.end_auth_comp_id 
_struct_sheet_range.end_auth_asym_id 
_struct_sheet_range.end_auth_seq_id 
A 1 THR A 14 ? TYR A 16 ? THR A 90  TYR A 92  
A 2 THR A 38 ? ALA A 44 ? THR A 114 ALA A 120 
A 3 MET A 47 ? GLU A 52 ? MET A 123 GLU A 128 
B 1 HIS A 5  ? ARG A 8  ? HIS A 81  ARG A 84  
B 2 PRO A 75 ? ILE A 79 ? PRO A 151 ILE A 155 
B 3 VAL A 59 ? ILE A 62 ? VAL A 135 ILE A 138 
# 
loop_
_pdbx_struct_sheet_hbond.sheet_id 
_pdbx_struct_sheet_hbond.range_id_1 
_pdbx_struct_sheet_hbond.range_id_2 
_pdbx_struct_sheet_hbond.range_1_label_atom_id 
_pdbx_struct_sheet_hbond.range_1_label_comp_id 
_pdbx_struct_sheet_hbond.range_1_label_asym_id 
_pdbx_struct_sheet_hbond.range_1_label_seq_id 
_pdbx_struct_sheet_hbond.range_1_PDB_ins_code 
_pdbx_struct_sheet_hbond.range_1_auth_atom_id 
_pdbx_struct_sheet_hbond.range_1_auth_comp_id 
_pdbx_struct_sheet_hbond.range_1_auth_asym_id 
_pdbx_struct_sheet_hbond.range_1_auth_seq_id 
_pdbx_struct_sheet_hbond.range_2_label_atom_id 
_pdbx_struct_sheet_hbond.range_2_label_comp_id 
_pdbx_struct_sheet_hbond.range_2_label_asym_id 
_pdbx_struct_sheet_hbond.range_2_label_seq_id 
_pdbx_struct_sheet_hbond.range_2_PDB_ins_code 
_pdbx_struct_sheet_hbond.range_2_auth_atom_id 
_pdbx_struct_sheet_hbond.range_2_auth_comp_id 
_pdbx_struct_sheet_hbond.range_2_auth_asym_id 
_pdbx_struct_sheet_hbond.range_2_auth_seq_id 
A 1 2 O THR A 14 ? O THR A 90  N GLU A 43 ? N GLU A 119 
A 2 3 O LEU A 39 ? O LEU A 115 N ILE A 51 ? N ILE A 127 
B 1 2 O HIS A 5  ? O HIS A 81  N ILE A 79 ? N ILE A 155 
B 2 3 O VAL A 78 ? O VAL A 154 N ALA A 61 ? N ALA A 137 
# 
_struct_site.id                   AC1 
_struct_site.pdbx_evidence_code   Software 
_struct_site.pdbx_auth_asym_id    A 
_struct_site.pdbx_auth_comp_id    BTN 
_struct_site.pdbx_auth_seq_id     157 
_struct_site.pdbx_auth_ins_code   ? 
_struct_site.pdbx_num_residues    9 
_struct_site.details              'BINDING SITE FOR RESIDUE BTN A 157' 
# 
loop_
_struct_site_gen.id 
_struct_site_gen.site_id 
_struct_site_gen.pdbx_num_res 
_struct_site_gen.label_comp_id 
_struct_site_gen.label_asym_id 
_struct_site_gen.label_seq_id 
_struct_site_gen.pdbx_auth_ins_code 
_struct_site_gen.auth_comp_id 
_struct_site_gen.auth_asym_id 
_struct_site_gen.auth_seq_id 
_struct_site_gen.label_atom_id 
_struct_site_gen.label_alt_id 
_struct_site_gen.symmetry 
_struct_site_gen.details 
1 AC1 9 TYR A 16 ? TYR A 92  . ? 1_555 ? 
2 AC1 9 THR A 18 ? THR A 94  . ? 1_555 ? 
3 AC1 9 PRO A 19 ? PRO A 95  . ? 1_555 ? 
4 AC1 9 SER A 20 ? SER A 96  . ? 1_555 ? 
5 AC1 9 PRO A 21 ? PRO A 97  . ? 1_555 ? 
6 AC1 9 LYS A 46 ? LYS A 122 . ? 1_555 ? 
7 AC1 9 GLU A 80 ? GLU A 156 . ? 1_556 ? 
8 AC1 9 HOH C .  ? HOH A 304 . ? 1_555 ? 
9 AC1 9 HOH C .  ? HOH A 311 . ? 1_555 ? 
# 
_pdbx_entry_details.entry_id                   1BDO 
_pdbx_entry_details.compound_details           
;FUNCTIONAL CLASSIFICATION: BIOTIN CARBOXYL CARRIER PROTEIN
BELONGS TO THE SUPERFAMILY OF BIOTINYL AND LIPOYL ENZYMES.
;
_pdbx_entry_details.source_details             ? 
_pdbx_entry_details.nonpolymer_details         ? 
_pdbx_entry_details.sequence_details           ? 
_pdbx_entry_details.has_ligand_of_interest     ? 
_pdbx_entry_details.has_protein_modification   Y 
# 
loop_
_pdbx_validate_torsion.id 
_pdbx_validate_torsion.PDB_model_num 
_pdbx_validate_torsion.auth_comp_id 
_pdbx_validate_torsion.auth_asym_id 
_pdbx_validate_torsion.auth_seq_id 
_pdbx_validate_torsion.PDB_ins_code 
_pdbx_validate_torsion.label_alt_id 
_pdbx_validate_torsion.phi 
_pdbx_validate_torsion.psi 
1 1 ILE A 78  ? ? -67.62  94.68   
2 1 CYS A 116 ? ? -171.63 -176.37 
3 1 LYS A 122 ? ? 75.23   -3.47   
# 
_pdbx_struct_special_symmetry.id              1 
_pdbx_struct_special_symmetry.PDB_model_num   1 
_pdbx_struct_special_symmetry.auth_asym_id    A 
_pdbx_struct_special_symmetry.auth_comp_id    HOH 
_pdbx_struct_special_symmetry.auth_seq_id     201 
_pdbx_struct_special_symmetry.PDB_ins_code    ? 
_pdbx_struct_special_symmetry.label_asym_id   C 
_pdbx_struct_special_symmetry.label_comp_id   HOH 
_pdbx_struct_special_symmetry.label_seq_id    . 
# 
loop_
_chem_comp_atom.comp_id 
_chem_comp_atom.atom_id 
_chem_comp_atom.type_symbol 
_chem_comp_atom.pdbx_aromatic_flag 
_chem_comp_atom.pdbx_stereo_config 
_chem_comp_atom.pdbx_ordinal 
ALA N    N N N 1   
ALA CA   C N S 2   
ALA C    C N N 3   
ALA O    O N N 4   
ALA CB   C N N 5   
ALA OXT  O N N 6   
ALA H    H N N 7   
ALA H2   H N N 8   
ALA HA   H N N 9   
ALA HB1  H N N 10  
ALA HB2  H N N 11  
ALA HB3  H N N 12  
ALA HXT  H N N 13  
ARG N    N N N 14  
ARG CA   C N S 15  
ARG C    C N N 16  
ARG O    O N N 17  
ARG CB   C N N 18  
ARG CG   C N N 19  
ARG CD   C N N 20  
ARG NE   N N N 21  
ARG CZ   C N N 22  
ARG NH1  N N N 23  
ARG NH2  N N N 24  
ARG OXT  O N N 25  
ARG H    H N N 26  
ARG H2   H N N 27  
ARG HA   H N N 28  
ARG HB2  H N N 29  
ARG HB3  H N N 30  
ARG HG2  H N N 31  
ARG HG3  H N N 32  
ARG HD2  H N N 33  
ARG HD3  H N N 34  
ARG HE   H N N 35  
ARG HH11 H N N 36  
ARG HH12 H N N 37  
ARG HH21 H N N 38  
ARG HH22 H N N 39  
ARG HXT  H N N 40  
ASN N    N N N 41  
ASN CA   C N S 42  
ASN C    C N N 43  
ASN O    O N N 44  
ASN CB   C N N 45  
ASN CG   C N N 46  
ASN OD1  O N N 47  
ASN ND2  N N N 48  
ASN OXT  O N N 49  
ASN H    H N N 50  
ASN H2   H N N 51  
ASN HA   H N N 52  
ASN HB2  H N N 53  
ASN HB3  H N N 54  
ASN HD21 H N N 55  
ASN HD22 H N N 56  
ASN HXT  H N N 57  
ASP N    N N N 58  
ASP CA   C N S 59  
ASP C    C N N 60  
ASP O    O N N 61  
ASP CB   C N N 62  
ASP CG   C N N 63  
ASP OD1  O N N 64  
ASP OD2  O N N 65  
ASP OXT  O N N 66  
ASP H    H N N 67  
ASP H2   H N N 68  
ASP HA   H N N 69  
ASP HB2  H N N 70  
ASP HB3  H N N 71  
ASP HD2  H N N 72  
ASP HXT  H N N 73  
BTN C11  C N N 74  
BTN O11  O N N 75  
BTN O12  O N N 76  
BTN C10  C N N 77  
BTN C9   C N N 78  
BTN C8   C N N 79  
BTN C7   C N N 80  
BTN C2   C N S 81  
BTN S1   S N N 82  
BTN C6   C N N 83  
BTN C5   C N R 84  
BTN N1   N N N 85  
BTN C3   C N N 86  
BTN O3   O N N 87  
BTN N2   N N N 88  
BTN C4   C N S 89  
BTN HO2  H N N 90  
BTN H101 H N N 91  
BTN H102 H N N 92  
BTN H91  H N N 93  
BTN H92  H N N 94  
BTN H81  H N N 95  
BTN H82  H N N 96  
BTN H71  H N N 97  
BTN H72  H N N 98  
BTN H2   H N N 99  
BTN H61  H N N 100 
BTN H62  H N N 101 
BTN H5   H N N 102 
BTN HN1  H N N 103 
BTN HN2  H N N 104 
BTN H4   H N N 105 
CYS N    N N N 106 
CYS CA   C N R 107 
CYS C    C N N 108 
CYS O    O N N 109 
CYS CB   C N N 110 
CYS SG   S N N 111 
CYS OXT  O N N 112 
CYS H    H N N 113 
CYS H2   H N N 114 
CYS HA   H N N 115 
CYS HB2  H N N 116 
CYS HB3  H N N 117 
CYS HG   H N N 118 
CYS HXT  H N N 119 
GLN N    N N N 120 
GLN CA   C N S 121 
GLN C    C N N 122 
GLN O    O N N 123 
GLN CB   C N N 124 
GLN CG   C N N 125 
GLN CD   C N N 126 
GLN OE1  O N N 127 
GLN NE2  N N N 128 
GLN OXT  O N N 129 
GLN H    H N N 130 
GLN H2   H N N 131 
GLN HA   H N N 132 
GLN HB2  H N N 133 
GLN HB3  H N N 134 
GLN HG2  H N N 135 
GLN HG3  H N N 136 
GLN HE21 H N N 137 
GLN HE22 H N N 138 
GLN HXT  H N N 139 
GLU N    N N N 140 
GLU CA   C N S 141 
GLU C    C N N 142 
GLU O    O N N 143 
GLU CB   C N N 144 
GLU CG   C N N 145 
GLU CD   C N N 146 
GLU OE1  O N N 147 
GLU OE2  O N N 148 
GLU OXT  O N N 149 
GLU H    H N N 150 
GLU H2   H N N 151 
GLU HA   H N N 152 
GLU HB2  H N N 153 
GLU HB3  H N N 154 
GLU HG2  H N N 155 
GLU HG3  H N N 156 
GLU HE2  H N N 157 
GLU HXT  H N N 158 
GLY N    N N N 159 
GLY CA   C N N 160 
GLY C    C N N 161 
GLY O    O N N 162 
GLY OXT  O N N 163 
GLY H    H N N 164 
GLY H2   H N N 165 
GLY HA2  H N N 166 
GLY HA3  H N N 167 
GLY HXT  H N N 168 
HIS N    N N N 169 
HIS CA   C N S 170 
HIS C    C N N 171 
HIS O    O N N 172 
HIS CB   C N N 173 
HIS CG   C Y N 174 
HIS ND1  N Y N 175 
HIS CD2  C Y N 176 
HIS CE1  C Y N 177 
HIS NE2  N Y N 178 
HIS OXT  O N N 179 
HIS H    H N N 180 
HIS H2   H N N 181 
HIS HA   H N N 182 
HIS HB2  H N N 183 
HIS HB3  H N N 184 
HIS HD1  H N N 185 
HIS HD2  H N N 186 
HIS HE1  H N N 187 
HIS HE2  H N N 188 
HIS HXT  H N N 189 
HOH O    O N N 190 
HOH H1   H N N 191 
HOH H2   H N N 192 
ILE N    N N N 193 
ILE CA   C N S 194 
ILE C    C N N 195 
ILE O    O N N 196 
ILE CB   C N S 197 
ILE CG1  C N N 198 
ILE CG2  C N N 199 
ILE CD1  C N N 200 
ILE OXT  O N N 201 
ILE H    H N N 202 
ILE H2   H N N 203 
ILE HA   H N N 204 
ILE HB   H N N 205 
ILE HG12 H N N 206 
ILE HG13 H N N 207 
ILE HG21 H N N 208 
ILE HG22 H N N 209 
ILE HG23 H N N 210 
ILE HD11 H N N 211 
ILE HD12 H N N 212 
ILE HD13 H N N 213 
ILE HXT  H N N 214 
LEU N    N N N 215 
LEU CA   C N S 216 
LEU C    C N N 217 
LEU O    O N N 218 
LEU CB   C N N 219 
LEU CG   C N N 220 
LEU CD1  C N N 221 
LEU CD2  C N N 222 
LEU OXT  O N N 223 
LEU H    H N N 224 
LEU H2   H N N 225 
LEU HA   H N N 226 
LEU HB2  H N N 227 
LEU HB3  H N N 228 
LEU HG   H N N 229 
LEU HD11 H N N 230 
LEU HD12 H N N 231 
LEU HD13 H N N 232 
LEU HD21 H N N 233 
LEU HD22 H N N 234 
LEU HD23 H N N 235 
LEU HXT  H N N 236 
LYS N    N N N 237 
LYS CA   C N S 238 
LYS C    C N N 239 
LYS O    O N N 240 
LYS CB   C N N 241 
LYS CG   C N N 242 
LYS CD   C N N 243 
LYS CE   C N N 244 
LYS NZ   N N N 245 
LYS OXT  O N N 246 
LYS H    H N N 247 
LYS H2   H N N 248 
LYS HA   H N N 249 
LYS HB2  H N N 250 
LYS HB3  H N N 251 
LYS HG2  H N N 252 
LYS HG3  H N N 253 
LYS HD2  H N N 254 
LYS HD3  H N N 255 
LYS HE2  H N N 256 
LYS HE3  H N N 257 
LYS HZ1  H N N 258 
LYS HZ2  H N N 259 
LYS HZ3  H N N 260 
LYS HXT  H N N 261 
MET N    N N N 262 
MET CA   C N S 263 
MET C    C N N 264 
MET O    O N N 265 
MET CB   C N N 266 
MET CG   C N N 267 
MET SD   S N N 268 
MET CE   C N N 269 
MET OXT  O N N 270 
MET H    H N N 271 
MET H2   H N N 272 
MET HA   H N N 273 
MET HB2  H N N 274 
MET HB3  H N N 275 
MET HG2  H N N 276 
MET HG3  H N N 277 
MET HE1  H N N 278 
MET HE2  H N N 279 
MET HE3  H N N 280 
MET HXT  H N N 281 
PHE N    N N N 282 
PHE CA   C N S 283 
PHE C    C N N 284 
PHE O    O N N 285 
PHE CB   C N N 286 
PHE CG   C Y N 287 
PHE CD1  C Y N 288 
PHE CD2  C Y N 289 
PHE CE1  C Y N 290 
PHE CE2  C Y N 291 
PHE CZ   C Y N 292 
PHE OXT  O N N 293 
PHE H    H N N 294 
PHE H2   H N N 295 
PHE HA   H N N 296 
PHE HB2  H N N 297 
PHE HB3  H N N 298 
PHE HD1  H N N 299 
PHE HD2  H N N 300 
PHE HE1  H N N 301 
PHE HE2  H N N 302 
PHE HZ   H N N 303 
PHE HXT  H N N 304 
PRO N    N N N 305 
PRO CA   C N S 306 
PRO C    C N N 307 
PRO O    O N N 308 
PRO CB   C N N 309 
PRO CG   C N N 310 
PRO CD   C N N 311 
PRO OXT  O N N 312 
PRO H    H N N 313 
PRO HA   H N N 314 
PRO HB2  H N N 315 
PRO HB3  H N N 316 
PRO HG2  H N N 317 
PRO HG3  H N N 318 
PRO HD2  H N N 319 
PRO HD3  H N N 320 
PRO HXT  H N N 321 
SER N    N N N 322 
SER CA   C N S 323 
SER C    C N N 324 
SER O    O N N 325 
SER CB   C N N 326 
SER OG   O N N 327 
SER OXT  O N N 328 
SER H    H N N 329 
SER H2   H N N 330 
SER HA   H N N 331 
SER HB2  H N N 332 
SER HB3  H N N 333 
SER HG   H N N 334 
SER HXT  H N N 335 
THR N    N N N 336 
THR CA   C N S 337 
THR C    C N N 338 
THR O    O N N 339 
THR CB   C N R 340 
THR OG1  O N N 341 
THR CG2  C N N 342 
THR OXT  O N N 343 
THR H    H N N 344 
THR H2   H N N 345 
THR HA   H N N 346 
THR HB   H N N 347 
THR HG1  H N N 348 
THR HG21 H N N 349 
THR HG22 H N N 350 
THR HG23 H N N 351 
THR HXT  H N N 352 
TYR N    N N N 353 
TYR CA   C N S 354 
TYR C    C N N 355 
TYR O    O N N 356 
TYR CB   C N N 357 
TYR CG   C Y N 358 
TYR CD1  C Y N 359 
TYR CD2  C Y N 360 
TYR CE1  C Y N 361 
TYR CE2  C Y N 362 
TYR CZ   C Y N 363 
TYR OH   O N N 364 
TYR OXT  O N N 365 
TYR H    H N N 366 
TYR H2   H N N 367 
TYR HA   H N N 368 
TYR HB2  H N N 369 
TYR HB3  H N N 370 
TYR HD1  H N N 371 
TYR HD2  H N N 372 
TYR HE1  H N N 373 
TYR HE2  H N N 374 
TYR HH   H N N 375 
TYR HXT  H N N 376 
VAL N    N N N 377 
VAL CA   C N S 378 
VAL C    C N N 379 
VAL O    O N N 380 
VAL CB   C N N 381 
VAL CG1  C N N 382 
VAL CG2  C N N 383 
VAL OXT  O N N 384 
VAL H    H N N 385 
VAL H2   H N N 386 
VAL HA   H N N 387 
VAL HB   H N N 388 
VAL HG11 H N N 389 
VAL HG12 H N N 390 
VAL HG13 H N N 391 
VAL HG21 H N N 392 
VAL HG22 H N N 393 
VAL HG23 H N N 394 
VAL HXT  H N N 395 
# 
loop_
_chem_comp_bond.comp_id 
_chem_comp_bond.atom_id_1 
_chem_comp_bond.atom_id_2 
_chem_comp_bond.value_order 
_chem_comp_bond.pdbx_aromatic_flag 
_chem_comp_bond.pdbx_stereo_config 
_chem_comp_bond.pdbx_ordinal 
ALA N   CA   sing N N 1   
ALA N   H    sing N N 2   
ALA N   H2   sing N N 3   
ALA CA  C    sing N N 4   
ALA CA  CB   sing N N 5   
ALA CA  HA   sing N N 6   
ALA C   O    doub N N 7   
ALA C   OXT  sing N N 8   
ALA CB  HB1  sing N N 9   
ALA CB  HB2  sing N N 10  
ALA CB  HB3  sing N N 11  
ALA OXT HXT  sing N N 12  
ARG N   CA   sing N N 13  
ARG N   H    sing N N 14  
ARG N   H2   sing N N 15  
ARG CA  C    sing N N 16  
ARG CA  CB   sing N N 17  
ARG CA  HA   sing N N 18  
ARG C   O    doub N N 19  
ARG C   OXT  sing N N 20  
ARG CB  CG   sing N N 21  
ARG CB  HB2  sing N N 22  
ARG CB  HB3  sing N N 23  
ARG CG  CD   sing N N 24  
ARG CG  HG2  sing N N 25  
ARG CG  HG3  sing N N 26  
ARG CD  NE   sing N N 27  
ARG CD  HD2  sing N N 28  
ARG CD  HD3  sing N N 29  
ARG NE  CZ   sing N N 30  
ARG NE  HE   sing N N 31  
ARG CZ  NH1  sing N N 32  
ARG CZ  NH2  doub N N 33  
ARG NH1 HH11 sing N N 34  
ARG NH1 HH12 sing N N 35  
ARG NH2 HH21 sing N N 36  
ARG NH2 HH22 sing N N 37  
ARG OXT HXT  sing N N 38  
ASN N   CA   sing N N 39  
ASN N   H    sing N N 40  
ASN N   H2   sing N N 41  
ASN CA  C    sing N N 42  
ASN CA  CB   sing N N 43  
ASN CA  HA   sing N N 44  
ASN C   O    doub N N 45  
ASN C   OXT  sing N N 46  
ASN CB  CG   sing N N 47  
ASN CB  HB2  sing N N 48  
ASN CB  HB3  sing N N 49  
ASN CG  OD1  doub N N 50  
ASN CG  ND2  sing N N 51  
ASN ND2 HD21 sing N N 52  
ASN ND2 HD22 sing N N 53  
ASN OXT HXT  sing N N 54  
ASP N   CA   sing N N 55  
ASP N   H    sing N N 56  
ASP N   H2   sing N N 57  
ASP CA  C    sing N N 58  
ASP CA  CB   sing N N 59  
ASP CA  HA   sing N N 60  
ASP C   O    doub N N 61  
ASP C   OXT  sing N N 62  
ASP CB  CG   sing N N 63  
ASP CB  HB2  sing N N 64  
ASP CB  HB3  sing N N 65  
ASP CG  OD1  doub N N 66  
ASP CG  OD2  sing N N 67  
ASP OD2 HD2  sing N N 68  
ASP OXT HXT  sing N N 69  
BTN C11 O11  doub N N 70  
BTN C11 O12  sing N N 71  
BTN C11 C10  sing N N 72  
BTN O12 HO2  sing N N 73  
BTN C10 C9   sing N N 74  
BTN C10 H101 sing N N 75  
BTN C10 H102 sing N N 76  
BTN C9  C8   sing N N 77  
BTN C9  H91  sing N N 78  
BTN C9  H92  sing N N 79  
BTN C8  C7   sing N N 80  
BTN C8  H81  sing N N 81  
BTN C8  H82  sing N N 82  
BTN C7  C2   sing N N 83  
BTN C7  H71  sing N N 84  
BTN C7  H72  sing N N 85  
BTN C2  S1   sing N N 86  
BTN C2  C4   sing N N 87  
BTN C2  H2   sing N N 88  
BTN S1  C6   sing N N 89  
BTN C6  C5   sing N N 90  
BTN C6  H61  sing N N 91  
BTN C6  H62  sing N N 92  
BTN C5  N1   sing N N 93  
BTN C5  C4   sing N N 94  
BTN C5  H5   sing N N 95  
BTN N1  C3   sing N N 96  
BTN N1  HN1  sing N N 97  
BTN C3  O3   doub N N 98  
BTN C3  N2   sing N N 99  
BTN N2  C4   sing N N 100 
BTN N2  HN2  sing N N 101 
BTN C4  H4   sing N N 102 
CYS N   CA   sing N N 103 
CYS N   H    sing N N 104 
CYS N   H2   sing N N 105 
CYS CA  C    sing N N 106 
CYS CA  CB   sing N N 107 
CYS CA  HA   sing N N 108 
CYS C   O    doub N N 109 
CYS C   OXT  sing N N 110 
CYS CB  SG   sing N N 111 
CYS CB  HB2  sing N N 112 
CYS CB  HB3  sing N N 113 
CYS SG  HG   sing N N 114 
CYS OXT HXT  sing N N 115 
GLN N   CA   sing N N 116 
GLN N   H    sing N N 117 
GLN N   H2   sing N N 118 
GLN CA  C    sing N N 119 
GLN CA  CB   sing N N 120 
GLN CA  HA   sing N N 121 
GLN C   O    doub N N 122 
GLN C   OXT  sing N N 123 
GLN CB  CG   sing N N 124 
GLN CB  HB2  sing N N 125 
GLN CB  HB3  sing N N 126 
GLN CG  CD   sing N N 127 
GLN CG  HG2  sing N N 128 
GLN CG  HG3  sing N N 129 
GLN CD  OE1  doub N N 130 
GLN CD  NE2  sing N N 131 
GLN NE2 HE21 sing N N 132 
GLN NE2 HE22 sing N N 133 
GLN OXT HXT  sing N N 134 
GLU N   CA   sing N N 135 
GLU N   H    sing N N 136 
GLU N   H2   sing N N 137 
GLU CA  C    sing N N 138 
GLU CA  CB   sing N N 139 
GLU CA  HA   sing N N 140 
GLU C   O    doub N N 141 
GLU C   OXT  sing N N 142 
GLU CB  CG   sing N N 143 
GLU CB  HB2  sing N N 144 
GLU CB  HB3  sing N N 145 
GLU CG  CD   sing N N 146 
GLU CG  HG2  sing N N 147 
GLU CG  HG3  sing N N 148 
GLU CD  OE1  doub N N 149 
GLU CD  OE2  sing N N 150 
GLU OE2 HE2  sing N N 151 
GLU OXT HXT  sing N N 152 
GLY N   CA   sing N N 153 
GLY N   H    sing N N 154 
GLY N   H2   sing N N 155 
GLY CA  C    sing N N 156 
GLY CA  HA2  sing N N 157 
GLY CA  HA3  sing N N 158 
GLY C   O    doub N N 159 
GLY C   OXT  sing N N 160 
GLY OXT HXT  sing N N 161 
HIS N   CA   sing N N 162 
HIS N   H    sing N N 163 
HIS N   H2   sing N N 164 
HIS CA  C    sing N N 165 
HIS CA  CB   sing N N 166 
HIS CA  HA   sing N N 167 
HIS C   O    doub N N 168 
HIS C   OXT  sing N N 169 
HIS CB  CG   sing N N 170 
HIS CB  HB2  sing N N 171 
HIS CB  HB3  sing N N 172 
HIS CG  ND1  sing Y N 173 
HIS CG  CD2  doub Y N 174 
HIS ND1 CE1  doub Y N 175 
HIS ND1 HD1  sing N N 176 
HIS CD2 NE2  sing Y N 177 
HIS CD2 HD2  sing N N 178 
HIS CE1 NE2  sing Y N 179 
HIS CE1 HE1  sing N N 180 
HIS NE2 HE2  sing N N 181 
HIS OXT HXT  sing N N 182 
HOH O   H1   sing N N 183 
HOH O   H2   sing N N 184 
ILE N   CA   sing N N 185 
ILE N   H    sing N N 186 
ILE N   H2   sing N N 187 
ILE CA  C    sing N N 188 
ILE CA  CB   sing N N 189 
ILE CA  HA   sing N N 190 
ILE C   O    doub N N 191 
ILE C   OXT  sing N N 192 
ILE CB  CG1  sing N N 193 
ILE CB  CG2  sing N N 194 
ILE CB  HB   sing N N 195 
ILE CG1 CD1  sing N N 196 
ILE CG1 HG12 sing N N 197 
ILE CG1 HG13 sing N N 198 
ILE CG2 HG21 sing N N 199 
ILE CG2 HG22 sing N N 200 
ILE CG2 HG23 sing N N 201 
ILE CD1 HD11 sing N N 202 
ILE CD1 HD12 sing N N 203 
ILE CD1 HD13 sing N N 204 
ILE OXT HXT  sing N N 205 
LEU N   CA   sing N N 206 
LEU N   H    sing N N 207 
LEU N   H2   sing N N 208 
LEU CA  C    sing N N 209 
LEU CA  CB   sing N N 210 
LEU CA  HA   sing N N 211 
LEU C   O    doub N N 212 
LEU C   OXT  sing N N 213 
LEU CB  CG   sing N N 214 
LEU CB  HB2  sing N N 215 
LEU CB  HB3  sing N N 216 
LEU CG  CD1  sing N N 217 
LEU CG  CD2  sing N N 218 
LEU CG  HG   sing N N 219 
LEU CD1 HD11 sing N N 220 
LEU CD1 HD12 sing N N 221 
LEU CD1 HD13 sing N N 222 
LEU CD2 HD21 sing N N 223 
LEU CD2 HD22 sing N N 224 
LEU CD2 HD23 sing N N 225 
LEU OXT HXT  sing N N 226 
LYS N   CA   sing N N 227 
LYS N   H    sing N N 228 
LYS N   H2   sing N N 229 
LYS CA  C    sing N N 230 
LYS CA  CB   sing N N 231 
LYS CA  HA   sing N N 232 
LYS C   O    doub N N 233 
LYS C   OXT  sing N N 234 
LYS CB  CG   sing N N 235 
LYS CB  HB2  sing N N 236 
LYS CB  HB3  sing N N 237 
LYS CG  CD   sing N N 238 
LYS CG  HG2  sing N N 239 
LYS CG  HG3  sing N N 240 
LYS CD  CE   sing N N 241 
LYS CD  HD2  sing N N 242 
LYS CD  HD3  sing N N 243 
LYS CE  NZ   sing N N 244 
LYS CE  HE2  sing N N 245 
LYS CE  HE3  sing N N 246 
LYS NZ  HZ1  sing N N 247 
LYS NZ  HZ2  sing N N 248 
LYS NZ  HZ3  sing N N 249 
LYS OXT HXT  sing N N 250 
MET N   CA   sing N N 251 
MET N   H    sing N N 252 
MET N   H2   sing N N 253 
MET CA  C    sing N N 254 
MET CA  CB   sing N N 255 
MET CA  HA   sing N N 256 
MET C   O    doub N N 257 
MET C   OXT  sing N N 258 
MET CB  CG   sing N N 259 
MET CB  HB2  sing N N 260 
MET CB  HB3  sing N N 261 
MET CG  SD   sing N N 262 
MET CG  HG2  sing N N 263 
MET CG  HG3  sing N N 264 
MET SD  CE   sing N N 265 
MET CE  HE1  sing N N 266 
MET CE  HE2  sing N N 267 
MET CE  HE3  sing N N 268 
MET OXT HXT  sing N N 269 
PHE N   CA   sing N N 270 
PHE N   H    sing N N 271 
PHE N   H2   sing N N 272 
PHE CA  C    sing N N 273 
PHE CA  CB   sing N N 274 
PHE CA  HA   sing N N 275 
PHE C   O    doub N N 276 
PHE C   OXT  sing N N 277 
PHE CB  CG   sing N N 278 
PHE CB  HB2  sing N N 279 
PHE CB  HB3  sing N N 280 
PHE CG  CD1  doub Y N 281 
PHE CG  CD2  sing Y N 282 
PHE CD1 CE1  sing Y N 283 
PHE CD1 HD1  sing N N 284 
PHE CD2 CE2  doub Y N 285 
PHE CD2 HD2  sing N N 286 
PHE CE1 CZ   doub Y N 287 
PHE CE1 HE1  sing N N 288 
PHE CE2 CZ   sing Y N 289 
PHE CE2 HE2  sing N N 290 
PHE CZ  HZ   sing N N 291 
PHE OXT HXT  sing N N 292 
PRO N   CA   sing N N 293 
PRO N   CD   sing N N 294 
PRO N   H    sing N N 295 
PRO CA  C    sing N N 296 
PRO CA  CB   sing N N 297 
PRO CA  HA   sing N N 298 
PRO C   O    doub N N 299 
PRO C   OXT  sing N N 300 
PRO CB  CG   sing N N 301 
PRO CB  HB2  sing N N 302 
PRO CB  HB3  sing N N 303 
PRO CG  CD   sing N N 304 
PRO CG  HG2  sing N N 305 
PRO CG  HG3  sing N N 306 
PRO CD  HD2  sing N N 307 
PRO CD  HD3  sing N N 308 
PRO OXT HXT  sing N N 309 
SER N   CA   sing N N 310 
SER N   H    sing N N 311 
SER N   H2   sing N N 312 
SER CA  C    sing N N 313 
SER CA  CB   sing N N 314 
SER CA  HA   sing N N 315 
SER C   O    doub N N 316 
SER C   OXT  sing N N 317 
SER CB  OG   sing N N 318 
SER CB  HB2  sing N N 319 
SER CB  HB3  sing N N 320 
SER OG  HG   sing N N 321 
SER OXT HXT  sing N N 322 
THR N   CA   sing N N 323 
THR N   H    sing N N 324 
THR N   H2   sing N N 325 
THR CA  C    sing N N 326 
THR CA  CB   sing N N 327 
THR CA  HA   sing N N 328 
THR C   O    doub N N 329 
THR C   OXT  sing N N 330 
THR CB  OG1  sing N N 331 
THR CB  CG2  sing N N 332 
THR CB  HB   sing N N 333 
THR OG1 HG1  sing N N 334 
THR CG2 HG21 sing N N 335 
THR CG2 HG22 sing N N 336 
THR CG2 HG23 sing N N 337 
THR OXT HXT  sing N N 338 
TYR N   CA   sing N N 339 
TYR N   H    sing N N 340 
TYR N   H2   sing N N 341 
TYR CA  C    sing N N 342 
TYR CA  CB   sing N N 343 
TYR CA  HA   sing N N 344 
TYR C   O    doub N N 345 
TYR C   OXT  sing N N 346 
TYR CB  CG   sing N N 347 
TYR CB  HB2  sing N N 348 
TYR CB  HB3  sing N N 349 
TYR CG  CD1  doub Y N 350 
TYR CG  CD2  sing Y N 351 
TYR CD1 CE1  sing Y N 352 
TYR CD1 HD1  sing N N 353 
TYR CD2 CE2  doub Y N 354 
TYR CD2 HD2  sing N N 355 
TYR CE1 CZ   doub Y N 356 
TYR CE1 HE1  sing N N 357 
TYR CE2 CZ   sing Y N 358 
TYR CE2 HE2  sing N N 359 
TYR CZ  OH   sing N N 360 
TYR OH  HH   sing N N 361 
TYR OXT HXT  sing N N 362 
VAL N   CA   sing N N 363 
VAL N   H    sing N N 364 
VAL N   H2   sing N N 365 
VAL CA  C    sing N N 366 
VAL CA  CB   sing N N 367 
VAL CA  HA   sing N N 368 
VAL C   O    doub N N 369 
VAL C   OXT  sing N N 370 
VAL CB  CG1  sing N N 371 
VAL CB  CG2  sing N N 372 
VAL CB  HB   sing N N 373 
VAL CG1 HG11 sing N N 374 
VAL CG1 HG12 sing N N 375 
VAL CG1 HG13 sing N N 376 
VAL CG2 HG21 sing N N 377 
VAL CG2 HG22 sing N N 378 
VAL CG2 HG23 sing N N 379 
VAL OXT HXT  sing N N 380 
# 
_atom_sites.entry_id                    1BDO 
_atom_sites.fract_transf_matrix[1][1]   0.01059564 
_atom_sites.fract_transf_matrix[1][2]   -0.01003619 
_atom_sites.fract_transf_matrix[1][3]   0.00451597 
_atom_sites.fract_transf_matrix[2][1]   0.01928210 
_atom_sites.fract_transf_matrix[2][2]   0.01773444 
_atom_sites.fract_transf_matrix[2][3]   -0.00582825 
_atom_sites.fract_transf_matrix[3][1]   -0.00148576 
_atom_sites.fract_transf_matrix[3][2]   0.01023986 
_atom_sites.fract_transf_matrix[3][3]   0.02624282 
_atom_sites.fract_transf_vector[1]      0.160220 
_atom_sites.fract_transf_vector[2]      0.514032 
_atom_sites.fract_transf_vector[3]      -0.240004 
# 
loop_
_atom_type.symbol 
C 
N 
O 
S 
# 
loop_
_atom_site.group_PDB 
_atom_site.id 
_atom_site.type_symbol 
_atom_site.label_atom_id 
_atom_site.label_alt_id 
_atom_site.label_comp_id 
_atom_site.label_asym_id 
_atom_site.label_entity_id 
_atom_site.label_seq_id 
_atom_site.pdbx_PDB_ins_code 
_atom_site.Cartn_x 
_atom_site.Cartn_y 
_atom_site.Cartn_z 
_atom_site.occupancy 
_atom_site.B_iso_or_equiv 
_atom_site.pdbx_formal_charge 
_atom_site.auth_seq_id 
_atom_site.auth_comp_id 
_atom_site.auth_asym_id 
_atom_site.auth_atom_id 
_atom_site.pdbx_PDB_model_num 
ATOM   1   N N   . GLU A 1 1  ? -14.217 -5.186  -11.941 1.00 67.35 ? 77  GLU A N   1 
ATOM   2   C CA  . GLU A 1 1  ? -13.809 -4.004  -12.751 1.00 65.70 ? 77  GLU A CA  1 
ATOM   3   C C   . GLU A 1 1  ? -12.349 -3.666  -12.491 1.00 61.16 ? 77  GLU A C   1 
ATOM   4   O O   . GLU A 1 1  ? -11.647 -3.194  -13.386 1.00 62.51 ? 77  GLU A O   1 
ATOM   5   C CB  . GLU A 1 1  ? -14.671 -2.789  -12.401 1.00 69.99 ? 77  GLU A CB  1 
ATOM   6   C CG  . GLU A 1 1  ? -16.165 -2.995  -12.586 1.00 76.31 ? 77  GLU A CG  1 
ATOM   7   C CD  . GLU A 1 1  ? -16.714 -4.082  -11.690 1.00 80.47 ? 77  GLU A CD  1 
ATOM   8   O OE1 . GLU A 1 1  ? -16.683 -3.926  -10.456 1.00 82.95 ? 77  GLU A OE1 1 
ATOM   9   O OE2 . GLU A 1 1  ? -17.167 -5.117  -12.215 1.00 83.32 ? 77  GLU A OE2 1 
ATOM   10  N N   . ILE A 1 2  ? -11.894 -3.926  -11.267 1.00 55.21 ? 78  ILE A N   1 
ATOM   11  C CA  . ILE A 1 2  ? -10.515 -3.649  -10.885 1.00 48.09 ? 78  ILE A CA  1 
ATOM   12  C C   . ILE A 1 2  ? -9.562  -4.575  -11.635 1.00 43.88 ? 78  ILE A C   1 
ATOM   13  O O   . ILE A 1 2  ? -9.373  -5.729  -11.250 1.00 44.37 ? 78  ILE A O   1 
ATOM   14  C CB  . ILE A 1 2  ? -10.304 -3.822  -9.358  1.00 45.41 ? 78  ILE A CB  1 
ATOM   15  C CG1 . ILE A 1 2  ? -11.280 -2.929  -8.585  1.00 45.29 ? 78  ILE A CG1 1 
ATOM   16  C CG2 . ILE A 1 2  ? -8.873  -3.464  -8.987  1.00 45.81 ? 78  ILE A CG2 1 
ATOM   17  C CD1 . ILE A 1 2  ? -11.159 -3.024  -7.072  1.00 42.27 ? 78  ILE A CD1 1 
ATOM   18  N N   . SER A 1 3  ? -9.037  -4.091  -12.756 1.00 40.14 ? 79  SER A N   1 
ATOM   19  C CA  . SER A 1 3  ? -8.096  -4.867  -13.550 1.00 36.41 ? 79  SER A CA  1 
ATOM   20  C C   . SER A 1 3  ? -6.705  -4.386  -13.180 1.00 31.37 ? 79  SER A C   1 
ATOM   21  O O   . SER A 1 3  ? -6.514  -3.210  -12.861 1.00 30.20 ? 79  SER A O   1 
ATOM   22  C CB  . SER A 1 3  ? -8.333  -4.667  -15.054 1.00 38.21 ? 79  SER A CB  1 
ATOM   23  O OG  . SER A 1 3  ? -7.812  -3.426  -15.517 1.00 39.84 ? 79  SER A OG  1 
ATOM   24  N N   . GLY A 1 4  ? -5.742  -5.295  -13.236 1.00 25.96 ? 80  GLY A N   1 
ATOM   25  C CA  . GLY A 1 4  ? -4.375  -4.959  -12.906 1.00 23.21 ? 80  GLY A CA  1 
ATOM   26  C C   . GLY A 1 4  ? -3.868  -5.893  -11.825 1.00 19.67 ? 80  GLY A C   1 
ATOM   27  O O   . GLY A 1 4  ? -4.561  -6.835  -11.432 1.00 21.73 ? 80  GLY A O   1 
ATOM   28  N N   . HIS A 1 5  ? -2.638  -5.660  -11.386 1.00 16.79 ? 81  HIS A N   1 
ATOM   29  C CA  . HIS A 1 5  ? -2.019  -6.456  -10.343 1.00 13.81 ? 81  HIS A CA  1 
ATOM   30  C C   . HIS A 1 5  ? -2.403  -5.823  -9.011  1.00 12.82 ? 81  HIS A C   1 
ATOM   31  O O   . HIS A 1 5  ? -2.119  -4.648  -8.777  1.00 11.73 ? 81  HIS A O   1 
ATOM   32  C CB  . HIS A 1 5  ? -0.502  -6.427  -10.498 1.00 15.06 ? 81  HIS A CB  1 
ATOM   33  C CG  . HIS A 1 5  ? 0.225   -7.003  -9.328  1.00 21.26 ? 81  HIS A CG  1 
ATOM   34  N ND1 . HIS A 1 5  ? 0.160   -8.342  -9.003  1.00 26.67 ? 81  HIS A ND1 1 
ATOM   35  C CD2 . HIS A 1 5  ? 0.989   -6.421  -8.374  1.00 21.59 ? 81  HIS A CD2 1 
ATOM   36  C CE1 . HIS A 1 5  ? 0.849   -8.557  -7.895  1.00 26.13 ? 81  HIS A CE1 1 
ATOM   37  N NE2 . HIS A 1 5  ? 1.358   -7.409  -7.496  1.00 24.60 ? 81  HIS A NE2 1 
ATOM   38  N N   . ILE A 1 6  ? -3.018  -6.600  -8.131  1.00 10.89 ? 82  ILE A N   1 
ATOM   39  C CA  . ILE A 1 6  ? -3.443  -6.074  -6.837  1.00 10.67 ? 82  ILE A CA  1 
ATOM   40  C C   . ILE A 1 6  ? -2.495  -6.483  -5.724  1.00 10.72 ? 82  ILE A C   1 
ATOM   41  O O   . ILE A 1 6  ? -2.187  -7.662  -5.560  1.00 10.74 ? 82  ILE A O   1 
ATOM   42  C CB  . ILE A 1 6  ? -4.874  -6.554  -6.480  1.00 13.93 ? 82  ILE A CB  1 
ATOM   43  C CG1 . ILE A 1 6  ? -5.859  -6.136  -7.580  1.00 14.90 ? 82  ILE A CG1 1 
ATOM   44  C CG2 . ILE A 1 6  ? -5.309  -5.981  -5.119  1.00 10.96 ? 82  ILE A CG2 1 
ATOM   45  C CD1 . ILE A 1 6  ? -7.231  -6.716  -7.419  1.00 20.88 ? 82  ILE A CD1 1 
ATOM   46  N N   . VAL A 1 7  ? -2.011  -5.494  -4.987  1.00 7.91  ? 83  VAL A N   1 
ATOM   47  C CA  . VAL A 1 7  ? -1.127  -5.719  -3.860  1.00 6.21  ? 83  VAL A CA  1 
ATOM   48  C C   . VAL A 1 7  ? -2.070  -5.818  -2.666  1.00 5.78  ? 83  VAL A C   1 
ATOM   49  O O   . VAL A 1 7  ? -2.853  -4.903  -2.411  1.00 4.45  ? 83  VAL A O   1 
ATOM   50  C CB  . VAL A 1 7  ? -0.157  -4.539  -3.673  1.00 4.71  ? 83  VAL A CB  1 
ATOM   51  C CG1 . VAL A 1 7  ? 0.695   -4.749  -2.434  1.00 7.41  ? 83  VAL A CG1 1 
ATOM   52  C CG2 . VAL A 1 7  ? 0.729   -4.398  -4.895  1.00 7.09  ? 83  VAL A CG2 1 
ATOM   53  N N   . ARG A 1 8  ? -1.999  -6.927  -1.947  1.00 4.63  ? 84  ARG A N   1 
ATOM   54  C CA  . ARG A 1 8  ? -2.878  -7.168  -0.814  1.00 4.13  ? 84  ARG A CA  1 
ATOM   55  C C   . ARG A 1 8  ? -2.157  -7.120  0.513   1.00 5.23  ? 84  ARG A C   1 
ATOM   56  O O   . ARG A 1 8  ? -0.937  -7.252  0.581   1.00 5.93  ? 84  ARG A O   1 
ATOM   57  C CB  . ARG A 1 8  ? -3.577  -8.511  -0.976  1.00 7.41  ? 84  ARG A CB  1 
ATOM   58  C CG  . ARG A 1 8  ? -4.469  -8.572  -2.186  1.00 9.69  ? 84  ARG A CG  1 
ATOM   59  C CD  . ARG A 1 8  ? -4.937  -9.980  -2.443  1.00 9.75  ? 84  ARG A CD  1 
ATOM   60  N NE  . ARG A 1 8  ? -5.747  -10.012 -3.646  1.00 11.51 ? 84  ARG A NE  1 
ATOM   61  C CZ  . ARG A 1 8  ? -7.072  -9.980  -3.651  1.00 12.58 ? 84  ARG A CZ  1 
ATOM   62  N NH1 . ARG A 1 8  ? -7.747  -9.930  -2.508  1.00 14.60 ? 84  ARG A NH1 1 
ATOM   63  N NH2 . ARG A 1 8  ? -7.716  -9.944  -4.804  1.00 16.67 ? 84  ARG A NH2 1 
ATOM   64  N N   . SER A 1 9  ? -2.920  -6.917  1.573   1.00 5.24  ? 85  SER A N   1 
ATOM   65  C CA  . SER A 1 9  ? -2.339  -6.845  2.893   1.00 4.73  ? 85  SER A CA  1 
ATOM   66  C C   . SER A 1 9  ? -1.909  -8.221  3.381   1.00 4.66  ? 85  SER A C   1 
ATOM   67  O O   . SER A 1 9  ? -2.671  -9.189  3.284   1.00 6.19  ? 85  SER A O   1 
ATOM   68  C CB  . SER A 1 9  ? -3.340  -6.267  3.887   1.00 4.11  ? 85  SER A CB  1 
ATOM   69  O OG  . SER A 1 9  ? -2.726  -6.162  5.156   1.00 5.34  ? 85  SER A OG  1 
ATOM   70  N N   . PRO A 1 10 ? -0.681  -8.324  3.907   1.00 6.45  ? 86  PRO A N   1 
ATOM   71  C CA  . PRO A 1 10 ? -0.179  -9.599  4.417   1.00 7.22  ? 86  PRO A CA  1 
ATOM   72  C C   . PRO A 1 10 ? -0.566  -9.768  5.892   1.00 8.92  ? 86  PRO A C   1 
ATOM   73  O O   . PRO A 1 10 ? -0.188  -10.751 6.522   1.00 8.49  ? 86  PRO A O   1 
ATOM   74  C CB  . PRO A 1 10 ? 1.331   -9.454  4.255   1.00 7.86  ? 86  PRO A CB  1 
ATOM   75  C CG  . PRO A 1 10 ? 1.560   -8.022  4.563   1.00 10.36 ? 86  PRO A CG  1 
ATOM   76  C CD  . PRO A 1 10 ? 0.386   -7.307  3.895   1.00 10.27 ? 86  PRO A CD  1 
ATOM   77  N N   . MET A 1 11 ? -1.323  -8.815  6.434   1.00 8.72  ? 87  MET A N   1 
ATOM   78  C CA  . MET A 1 11 ? -1.722  -8.882  7.830   1.00 10.07 ? 87  MET A CA  1 
ATOM   79  C C   . MET A 1 11 ? -2.941  -8.054  8.210   1.00 9.23  ? 87  MET A C   1 
ATOM   80  O O   . MET A 1 11 ? -3.463  -7.270  7.420   1.00 9.55  ? 87  MET A O   1 
ATOM   81  C CB  . MET A 1 11 ? -0.550  -8.494  8.736   1.00 15.54 ? 87  MET A CB  1 
ATOM   82  C CG  . MET A 1 11 ? -0.060  -7.070  8.602   1.00 19.45 ? 87  MET A CG  1 
ATOM   83  S SD  . MET A 1 11 ? 1.338   -6.751  9.718   1.00 26.07 ? 87  MET A SD  1 
ATOM   84  C CE  . MET A 1 11 ? 0.631   -5.672  10.880  1.00 22.42 ? 87  MET A CE  1 
ATOM   85  N N   . VAL A 1 12 ? -3.422  -8.306  9.419   1.00 7.70  ? 88  VAL A N   1 
ATOM   86  C CA  . VAL A 1 12 ? -4.551  -7.599  9.983   1.00 6.68  ? 88  VAL A CA  1 
ATOM   87  C C   . VAL A 1 12 ? -3.919  -6.425  10.725  1.00 8.41  ? 88  VAL A C   1 
ATOM   88  O O   . VAL A 1 12 ? -2.989  -6.613  11.512  1.00 11.45 ? 88  VAL A O   1 
ATOM   89  C CB  . VAL A 1 12 ? -5.320  -8.494  10.993  1.00 8.21  ? 88  VAL A CB  1 
ATOM   90  C CG1 . VAL A 1 12 ? -6.478  -7.735  11.588  1.00 9.57  ? 88  VAL A CG1 1 
ATOM   91  C CG2 . VAL A 1 12 ? -5.825  -9.759  10.304  1.00 9.40  ? 88  VAL A CG2 1 
ATOM   92  N N   . GLY A 1 13 ? -4.388  -5.214  10.453  1.00 7.20  ? 89  GLY A N   1 
ATOM   93  C CA  . GLY A 1 13 ? -3.825  -4.061  11.121  1.00 6.00  ? 89  GLY A CA  1 
ATOM   94  C C   . GLY A 1 13 ? -4.394  -2.768  10.581  1.00 4.38  ? 89  GLY A C   1 
ATOM   95  O O   . GLY A 1 13 ? -5.510  -2.750  10.085  1.00 7.21  ? 89  GLY A O   1 
ATOM   96  N N   . THR A 1 14 ? -3.625  -1.694  10.703  1.00 7.48  ? 90  THR A N   1 
ATOM   97  C CA  . THR A 1 14 ? -4.013  -0.368  10.246  1.00 7.17  ? 90  THR A CA  1 
ATOM   98  C C   . THR A 1 14 ? -3.123  0.087   9.090   1.00 5.18  ? 90  THR A C   1 
ATOM   99  O O   . THR A 1 14 ? -1.891  0.022   9.159   1.00 5.90  ? 90  THR A O   1 
ATOM   100 C CB  . THR A 1 14 ? -3.917  0.654   11.392  1.00 9.12  ? 90  THR A CB  1 
ATOM   101 O OG1 . THR A 1 14 ? -4.737  0.217   12.481  1.00 12.63 ? 90  THR A OG1 1 
ATOM   102 C CG2 . THR A 1 14 ? -4.387  2.029   10.921  1.00 6.38  ? 90  THR A CG2 1 
ATOM   103 N N   . PHE A 1 15 ? -3.774  0.528   8.025   1.00 4.48  ? 91  PHE A N   1 
ATOM   104 C CA  . PHE A 1 15 ? -3.120  1.004   6.812   1.00 5.27  ? 91  PHE A CA  1 
ATOM   105 C C   . PHE A 1 15 ? -2.681  2.467   6.935   1.00 4.80  ? 91  PHE A C   1 
ATOM   106 O O   . PHE A 1 15 ? -3.443  3.313   7.402   1.00 5.56  ? 91  PHE A O   1 
ATOM   107 C CB  . PHE A 1 15 ? -4.099  0.847   5.635   1.00 5.55  ? 91  PHE A CB  1 
ATOM   108 C CG  . PHE A 1 15 ? -3.598  1.398   4.331   1.00 5.63  ? 91  PHE A CG  1 
ATOM   109 C CD1 . PHE A 1 15 ? -2.860  0.604   3.467   1.00 7.29  ? 91  PHE A CD1 1 
ATOM   110 C CD2 . PHE A 1 15 ? -3.914  2.692   3.941   1.00 4.49  ? 91  PHE A CD2 1 
ATOM   111 C CE1 . PHE A 1 15 ? -2.449  1.092   2.239   1.00 7.72  ? 91  PHE A CE1 1 
ATOM   112 C CE2 . PHE A 1 15 ? -3.504  3.181   2.717   1.00 7.75  ? 91  PHE A CE2 1 
ATOM   113 C CZ  . PHE A 1 15 ? -2.772  2.376   1.863   1.00 6.71  ? 91  PHE A CZ  1 
ATOM   114 N N   . TYR A 1 16 ? -1.461  2.750   6.489   1.00 3.41  ? 92  TYR A N   1 
ATOM   115 C CA  . TYR A 1 16 ? -0.889  4.094   6.491   1.00 3.91  ? 92  TYR A CA  1 
ATOM   116 C C   . TYR A 1 16 ? -0.206  4.325   5.153   1.00 4.33  ? 92  TYR A C   1 
ATOM   117 O O   . TYR A 1 16 ? 0.463   3.436   4.633   1.00 5.36  ? 92  TYR A O   1 
ATOM   118 C CB  . TYR A 1 16 ? 0.143   4.259   7.602   1.00 4.23  ? 92  TYR A CB  1 
ATOM   119 C CG  . TYR A 1 16 ? -0.480  4.342   8.958   1.00 4.60  ? 92  TYR A CG  1 
ATOM   120 C CD1 . TYR A 1 16 ? -1.148  5.488   9.353   1.00 8.49  ? 92  TYR A CD1 1 
ATOM   121 C CD2 . TYR A 1 16 ? -0.434  3.270   9.830   1.00 7.38  ? 92  TYR A CD2 1 
ATOM   122 C CE1 . TYR A 1 16 ? -1.752  5.570   10.571  1.00 10.03 ? 92  TYR A CE1 1 
ATOM   123 C CE2 . TYR A 1 16 ? -1.043  3.340   11.059  1.00 12.19 ? 92  TYR A CE2 1 
ATOM   124 C CZ  . TYR A 1 16 ? -1.702  4.500   11.419  1.00 11.48 ? 92  TYR A CZ  1 
ATOM   125 O OH  . TYR A 1 16 ? -2.314  4.595   12.638  1.00 16.45 ? 92  TYR A OH  1 
ATOM   126 N N   . ARG A 1 17 ? -0.367  5.530   4.613   1.00 4.62  ? 93  ARG A N   1 
ATOM   127 C CA  . ARG A 1 17 ? 0.229   5.916   3.334   1.00 4.53  ? 93  ARG A CA  1 
ATOM   128 C C   . ARG A 1 17 ? 1.622   6.511   3.499   1.00 2.77  ? 93  ARG A C   1 
ATOM   129 O O   . ARG A 1 17 ? 2.376   6.585   2.536   1.00 3.96  ? 93  ARG A O   1 
ATOM   130 C CB  . ARG A 1 17 ? -0.633  7.015   2.676   1.00 6.09  ? 93  ARG A CB  1 
ATOM   131 C CG  . ARG A 1 17 ? -1.981  6.580   2.103   1.00 9.58  ? 93  ARG A CG  1 
ATOM   132 C CD  . ARG A 1 17 ? -1.832  5.976   0.704   1.00 8.10  ? 93  ARG A CD  1 
ATOM   133 N NE  . ARG A 1 17 ? -1.238  6.911   -0.253  1.00 6.73  ? 93  ARG A NE  1 
ATOM   134 C CZ  . ARG A 1 17 ? -1.876  7.940   -0.812  1.00 7.98  ? 93  ARG A CZ  1 
ATOM   135 N NH1 . ARG A 1 17 ? -3.144  8.193   -0.514  1.00 10.08 ? 93  ARG A NH1 1 
ATOM   136 N NH2 . ARG A 1 17 ? -1.259  8.698   -1.703  1.00 8.79  ? 93  ARG A NH2 1 
ATOM   137 N N   . THR A 1 18 ? 1.967   6.910   4.718   1.00 5.06  ? 94  THR A N   1 
ATOM   138 C CA  . THR A 1 18 ? 3.218   7.623   4.981   1.00 5.14  ? 94  THR A CA  1 
ATOM   139 C C   . THR A 1 18 ? 4.176   6.965   5.977   1.00 5.29  ? 94  THR A C   1 
ATOM   140 O O   . THR A 1 18 ? 3.774   6.104   6.753   1.00 5.08  ? 94  THR A O   1 
ATOM   141 C CB  . THR A 1 18 ? 2.880   9.007   5.571   1.00 5.37  ? 94  THR A CB  1 
ATOM   142 O OG1 . THR A 1 18 ? 2.169   8.815   6.798   1.00 8.08  ? 94  THR A OG1 1 
ATOM   143 C CG2 . THR A 1 18 ? 1.992   9.807   4.627   1.00 6.44  ? 94  THR A CG2 1 
ATOM   144 N N   . PRO A 1 19 ? 5.459   7.380   5.964   1.00 7.47  ? 95  PRO A N   1 
ATOM   145 C CA  . PRO A 1 19 ? 6.452   6.820   6.891   1.00 9.20  ? 95  PRO A CA  1 
ATOM   146 C C   . PRO A 1 19 ? 6.365   7.451   8.291   1.00 10.21 ? 95  PRO A C   1 
ATOM   147 O O   . PRO A 1 19 ? 7.006   6.984   9.230   1.00 9.63  ? 95  PRO A O   1 
ATOM   148 C CB  . PRO A 1 19 ? 7.783   7.115   6.197   1.00 9.31  ? 95  PRO A CB  1 
ATOM   149 C CG  . PRO A 1 19 ? 7.509   8.348   5.417   1.00 14.35 ? 95  PRO A CG  1 
ATOM   150 C CD  . PRO A 1 19 ? 6.117   8.126   4.878   1.00 7.96  ? 95  PRO A CD  1 
ATOM   151 N N   . SER A 1 20 ? 5.582   8.521   8.418   1.00 10.94 ? 96  SER A N   1 
ATOM   152 C CA  . SER A 1 20 ? 5.360   9.189   9.701   1.00 12.53 ? 96  SER A CA  1 
ATOM   153 C C   . SER A 1 20 ? 4.138   10.091  9.548   1.00 13.32 ? 96  SER A C   1 
ATOM   154 O O   . SER A 1 20 ? 3.781   10.466  8.432   1.00 10.00 ? 96  SER A O   1 
ATOM   155 C CB  . SER A 1 20 ? 6.578   10.004  10.145  1.00 15.61 ? 96  SER A CB  1 
ATOM   156 O OG  . SER A 1 20 ? 6.789   11.147  9.341   1.00 21.77 ? 96  SER A OG  1 
ATOM   157 N N   . PRO A 1 21 ? 3.523   10.493  10.667  1.00 16.52 ? 97  PRO A N   1 
ATOM   158 C CA  . PRO A 1 21 ? 2.336   11.352  10.612  1.00 19.41 ? 97  PRO A CA  1 
ATOM   159 C C   . PRO A 1 21 ? 2.508   12.668  9.863   1.00 23.21 ? 97  PRO A C   1 
ATOM   160 O O   . PRO A 1 21 ? 1.531   13.211  9.343   1.00 27.28 ? 97  PRO A O   1 
ATOM   161 C CB  . PRO A 1 21 ? 2.010   11.585  12.090  1.00 17.60 ? 97  PRO A CB  1 
ATOM   162 C CG  . PRO A 1 21 ? 2.530   10.342  12.759  1.00 17.58 ? 97  PRO A CG  1 
ATOM   163 C CD  . PRO A 1 21 ? 3.851   10.141  12.061  1.00 18.50 ? 97  PRO A CD  1 
ATOM   164 N N   . ASP A 1 22 ? 3.744   13.148  9.754   1.00 24.09 ? 98  ASP A N   1 
ATOM   165 C CA  . ASP A 1 22 ? 4.012   14.425  9.081   1.00 27.72 ? 98  ASP A CA  1 
ATOM   166 C C   . ASP A 1 22 ? 4.659   14.324  7.710   1.00 26.29 ? 98  ASP A C   1 
ATOM   167 O O   . ASP A 1 22 ? 4.889   15.339  7.051   1.00 27.37 ? 98  ASP A O   1 
ATOM   168 C CB  . ASP A 1 22 ? 4.908   15.291  9.964   1.00 34.03 ? 98  ASP A CB  1 
ATOM   169 C CG  . ASP A 1 22 ? 4.496   15.264  11.414  1.00 40.73 ? 98  ASP A CG  1 
ATOM   170 O OD1 . ASP A 1 22 ? 3.400   15.779  11.730  1.00 44.52 ? 98  ASP A OD1 1 
ATOM   171 O OD2 . ASP A 1 22 ? 5.262   14.708  12.233  1.00 43.85 ? 98  ASP A OD2 1 
ATOM   172 N N   . ALA A 1 23 ? 4.969   13.111  7.278   1.00 22.88 ? 99  ALA A N   1 
ATOM   173 C CA  . ALA A 1 23 ? 5.627   12.922  5.996   1.00 19.32 ? 99  ALA A CA  1 
ATOM   174 C C   . ALA A 1 23 ? 4.673   12.825  4.816   1.00 16.34 ? 99  ALA A C   1 
ATOM   175 O O   . ALA A 1 23 ? 3.455   12.693  4.981   1.00 16.72 ? 99  ALA A O   1 
ATOM   176 C CB  . ALA A 1 23 ? 6.518   11.691  6.052   1.00 17.18 ? 99  ALA A CB  1 
ATOM   177 N N   . LYS A 1 24 ? 5.242   12.920  3.623   1.00 16.47 ? 100 LYS A N   1 
ATOM   178 C CA  . LYS A 1 24 ? 4.480   12.804  2.389   1.00 16.44 ? 100 LYS A CA  1 
ATOM   179 C C   . LYS A 1 24 ? 4.244   11.309  2.146   1.00 13.29 ? 100 LYS A C   1 
ATOM   180 O O   . LYS A 1 24 ? 4.923   10.463  2.735   1.00 11.98 ? 100 LYS A O   1 
ATOM   181 C CB  . LYS A 1 24 ? 5.265   13.402  1.223   1.00 18.91 ? 100 LYS A CB  1 
ATOM   182 C CG  . LYS A 1 24 ? 5.442   14.912  1.289   1.00 34.03 ? 100 LYS A CG  1 
ATOM   183 C CD  . LYS A 1 24 ? 4.095   15.620  1.435   1.00 45.91 ? 100 LYS A CD  1 
ATOM   184 C CE  . LYS A 1 24 ? 4.187   17.103  1.089   1.00 53.75 ? 100 LYS A CE  1 
ATOM   185 N NZ  . LYS A 1 24 ? 4.472   17.306  -0.366  1.00 57.45 ? 100 LYS A NZ  1 
ATOM   186 N N   . ALA A 1 25 ? 3.275   10.982  1.303   1.00 10.21 ? 101 ALA A N   1 
ATOM   187 C CA  . ALA A 1 25 ? 2.970   9.591   1.005   1.00 7.62  ? 101 ALA A CA  1 
ATOM   188 C C   . ALA A 1 25 ? 4.066   8.951   0.161   1.00 7.26  ? 101 ALA A C   1 
ATOM   189 O O   . ALA A 1 25 ? 4.744   9.626   -0.611  1.00 6.98  ? 101 ALA A O   1 
ATOM   190 C CB  . ALA A 1 25 ? 1.622   9.489   0.293   1.00 5.83  ? 101 ALA A CB  1 
ATOM   191 N N   . PHE A 1 26 ? 4.257   7.648   0.348   1.00 6.98  ? 102 PHE A N   1 
ATOM   192 C CA  . PHE A 1 26 ? 5.240   6.880   -0.412  1.00 8.36  ? 102 PHE A CA  1 
ATOM   193 C C   . PHE A 1 26 ? 4.904   6.945   -1.898  1.00 8.62  ? 102 PHE A C   1 
ATOM   194 O O   . PHE A 1 26 ? 5.791   7.073   -2.745  1.00 9.44  ? 102 PHE A O   1 
ATOM   195 C CB  . PHE A 1 26 ? 5.207   5.398   -0.019  1.00 6.33  ? 102 PHE A CB  1 
ATOM   196 C CG  . PHE A 1 26 ? 5.705   5.110   1.359   1.00 4.52  ? 102 PHE A CG  1 
ATOM   197 C CD1 . PHE A 1 26 ? 7.051   5.234   1.665   1.00 10.53 ? 102 PHE A CD1 1 
ATOM   198 C CD2 . PHE A 1 26 ? 4.834   4.663   2.337   1.00 7.59  ? 102 PHE A CD2 1 
ATOM   199 C CE1 . PHE A 1 26 ? 7.522   4.914   2.925   1.00 8.89  ? 102 PHE A CE1 1 
ATOM   200 C CE2 . PHE A 1 26 ? 5.293   4.343   3.597   1.00 10.53 ? 102 PHE A CE2 1 
ATOM   201 C CZ  . PHE A 1 26 ? 6.642   4.468   3.892   1.00 10.00 ? 102 PHE A CZ  1 
ATOM   202 N N   . ILE A 1 27 ? 3.623   6.805   -2.208  1.00 6.48  ? 103 ILE A N   1 
ATOM   203 C CA  . ILE A 1 27 ? 3.156   6.807   -3.589  1.00 8.65  ? 103 ILE A CA  1 
ATOM   204 C C   . ILE A 1 27 ? 1.856   7.576   -3.743  1.00 9.17  ? 103 ILE A C   1 
ATOM   205 O O   . ILE A 1 27 ? 1.149   7.844   -2.767  1.00 8.66  ? 103 ILE A O   1 
ATOM   206 C CB  . ILE A 1 27 ? 2.874   5.362   -4.097  1.00 8.36  ? 103 ILE A CB  1 
ATOM   207 C CG1 . ILE A 1 27 ? 1.805   4.694   -3.219  1.00 6.82  ? 103 ILE A CG1 1 
ATOM   208 C CG2 . ILE A 1 27 ? 4.159   4.542   -4.133  1.00 13.64 ? 103 ILE A CG2 1 
ATOM   209 C CD1 . ILE A 1 27 ? 1.200   3.433   -3.783  1.00 8.60  ? 103 ILE A CD1 1 
ATOM   210 N N   . GLU A 1 28 ? 1.555   7.915   -4.990  1.00 9.98  ? 104 GLU A N   1 
ATOM   211 C CA  . GLU A 1 28 ? 0.329   8.604   -5.359  1.00 10.18 ? 104 GLU A CA  1 
ATOM   212 C C   . GLU A 1 28 ? -0.083  7.937   -6.667  1.00 8.47  ? 104 GLU A C   1 
ATOM   213 O O   . GLU A 1 28 ? 0.743   7.307   -7.338  1.00 10.50 ? 104 GLU A O   1 
ATOM   214 C CB  . GLU A 1 28 ? 0.581   10.102  -5.605  1.00 13.39 ? 104 GLU A CB  1 
ATOM   215 C CG  . GLU A 1 28 ? 1.126   10.902  -4.410  1.00 25.33 ? 104 GLU A CG  1 
ATOM   216 C CD  . GLU A 1 28 ? 0.093   11.229  -3.327  1.00 32.05 ? 104 GLU A CD  1 
ATOM   217 O OE1 . GLU A 1 28 ? -1.089  10.824  -3.419  1.00 34.27 ? 104 GLU A OE1 1 
ATOM   218 O OE2 . GLU A 1 28 ? 0.477   11.913  -2.353  1.00 38.52 ? 104 GLU A OE2 1 
ATOM   219 N N   . VAL A 1 29 ? -1.363  8.027   -7.006  1.00 8.44  ? 105 VAL A N   1 
ATOM   220 C CA  . VAL A 1 29 ? -1.877  7.446   -8.241  1.00 8.68  ? 105 VAL A CA  1 
ATOM   221 C C   . VAL A 1 29 ? -1.155  8.121   -9.410  1.00 9.60  ? 105 VAL A C   1 
ATOM   222 O O   . VAL A 1 29 ? -0.913  9.327   -9.371  1.00 8.82  ? 105 VAL A O   1 
ATOM   223 C CB  . VAL A 1 29 ? -3.403  7.678   -8.360  1.00 8.56  ? 105 VAL A CB  1 
ATOM   224 C CG1 . VAL A 1 29 ? -3.915  7.245   -9.731  1.00 6.92  ? 105 VAL A CG1 1 
ATOM   225 C CG2 . VAL A 1 29 ? -4.138  6.922   -7.241  1.00 10.50 ? 105 VAL A CG2 1 
ATOM   226 N N   . GLY A 1 30 ? -0.750  7.326   -10.398 1.00 11.03 ? 106 GLY A N   1 
ATOM   227 C CA  . GLY A 1 30 ? -0.049  7.847   -11.563 1.00 9.90  ? 106 GLY A CA  1 
ATOM   228 C C   . GLY A 1 30 ? 1.463   7.744   -11.473 1.00 10.62 ? 106 GLY A C   1 
ATOM   229 O O   . GLY A 1 30 ? 2.178   7.968   -12.446 1.00 13.45 ? 106 GLY A O   1 
ATOM   230 N N   . GLN A 1 31 ? 1.954   7.397   -10.295 1.00 11.59 ? 107 GLN A N   1 
ATOM   231 C CA  . GLN A 1 31 ? 3.377   7.267   -10.051 1.00 11.80 ? 107 GLN A CA  1 
ATOM   232 C C   . GLN A 1 31 ? 3.882   5.928   -10.564 1.00 13.25 ? 107 GLN A C   1 
ATOM   233 O O   . GLN A 1 31 ? 3.176   4.925   -10.489 1.00 12.33 ? 107 GLN A O   1 
ATOM   234 C CB  . GLN A 1 31 ? 3.633   7.372   -8.548  1.00 15.46 ? 107 GLN A CB  1 
ATOM   235 C CG  . GLN A 1 31 ? 5.087   7.346   -8.131  1.00 20.64 ? 107 GLN A CG  1 
ATOM   236 C CD  . GLN A 1 31 ? 5.266   7.667   -6.661  1.00 22.45 ? 107 GLN A CD  1 
ATOM   237 O OE1 . GLN A 1 31 ? 4.536   8.487   -6.100  1.00 13.76 ? 107 GLN A OE1 1 
ATOM   238 N NE2 . GLN A 1 31 ? 6.241   7.024   -6.029  1.00 24.50 ? 107 GLN A NE2 1 
ATOM   239 N N   . LYS A 1 32 ? 5.099   5.918   -11.098 1.00 13.91 ? 108 LYS A N   1 
ATOM   240 C CA  . LYS A 1 32 ? 5.696   4.682   -11.592 1.00 16.25 ? 108 LYS A CA  1 
ATOM   241 C C   . LYS A 1 32 ? 6.470   4.122   -10.413 1.00 12.73 ? 108 LYS A C   1 
ATOM   242 O O   . LYS A 1 32 ? 7.122   4.875   -9.687  1.00 14.60 ? 108 LYS A O   1 
ATOM   243 C CB  . LYS A 1 32 ? 6.678   4.942   -12.745 1.00 21.76 ? 108 LYS A CB  1 
ATOM   244 C CG  . LYS A 1 32 ? 6.110   5.693   -13.946 1.00 34.83 ? 108 LYS A CG  1 
ATOM   245 C CD  . LYS A 1 32 ? 5.941   7.176   -13.642 1.00 45.34 ? 108 LYS A CD  1 
ATOM   246 C CE  . LYS A 1 32 ? 5.634   7.977   -14.894 1.00 52.33 ? 108 LYS A CE  1 
ATOM   247 N NZ  . LYS A 1 32 ? 5.169   9.361   -14.568 1.00 55.60 ? 108 LYS A NZ  1 
ATOM   248 N N   . VAL A 1 33 ? 6.360   2.820   -10.192 1.00 12.11 ? 109 VAL A N   1 
ATOM   249 C CA  . VAL A 1 33 ? 7.068   2.165   -9.102  1.00 12.12 ? 109 VAL A CA  1 
ATOM   250 C C   . VAL A 1 33 ? 7.901   1.009   -9.650  1.00 12.81 ? 109 VAL A C   1 
ATOM   251 O O   . VAL A 1 33 ? 7.603   0.461   -10.717 1.00 13.24 ? 109 VAL A O   1 
ATOM   252 C CB  . VAL A 1 33 ? 6.105   1.628   -8.003  1.00 11.34 ? 109 VAL A CB  1 
ATOM   253 C CG1 . VAL A 1 33 ? 5.383   2.789   -7.319  1.00 13.93 ? 109 VAL A CG1 1 
ATOM   254 C CG2 . VAL A 1 33 ? 5.108   0.626   -8.592  1.00 10.70 ? 109 VAL A CG2 1 
ATOM   255 N N   . ASN A 1 34 ? 8.952   0.667   -8.920  1.00 11.58 ? 110 ASN A N   1 
ATOM   256 C CA  . ASN A 1 34 ? 9.844   -0.412  -9.288  1.00 11.47 ? 110 ASN A CA  1 
ATOM   257 C C   . ASN A 1 34 ? 9.760   -1.457  -8.200  1.00 11.52 ? 110 ASN A C   1 
ATOM   258 O O   . ASN A 1 34 ? 9.375   -1.161  -7.062  1.00 9.07  ? 110 ASN A O   1 
ATOM   259 C CB  . ASN A 1 34 ? 11.285  0.088   -9.370  1.00 15.82 ? 110 ASN A CB  1 
ATOM   260 C CG  . ASN A 1 34 ? 11.511  1.026   -10.530 1.00 25.09 ? 110 ASN A CG  1 
ATOM   261 O OD1 . ASN A 1 34 ? 11.099  0.751   -11.662 1.00 26.56 ? 110 ASN A OD1 1 
ATOM   262 N ND2 . ASN A 1 34 ? 12.162  2.147   -10.260 1.00 29.65 ? 110 ASN A ND2 1 
ATOM   263 N N   . VAL A 1 35 ? 10.088  -2.692  -8.562  1.00 11.78 ? 111 VAL A N   1 
ATOM   264 C CA  . VAL A 1 35 ? 10.093  -3.791  -7.613  1.00 10.36 ? 111 VAL A CA  1 
ATOM   265 C C   . VAL A 1 35 ? 10.907  -3.357  -6.404  1.00 9.92  ? 111 VAL A C   1 
ATOM   266 O O   . VAL A 1 35 ? 11.989  -2.779  -6.550  1.00 12.27 ? 111 VAL A O   1 
ATOM   267 C CB  . VAL A 1 35 ? 10.755  -5.053  -8.212  1.00 11.53 ? 111 VAL A CB  1 
ATOM   268 C CG1 . VAL A 1 35 ? 10.786  -6.166  -7.184  1.00 10.33 ? 111 VAL A CG1 1 
ATOM   269 C CG2 . VAL A 1 35 ? 10.018  -5.505  -9.453  1.00 13.43 ? 111 VAL A CG2 1 
ATOM   270 N N   . GLY A 1 36 ? 10.380  -3.619  -5.218  1.00 8.89  ? 112 GLY A N   1 
ATOM   271 C CA  . GLY A 1 36 ? 11.076  -3.258  -3.999  1.00 9.83  ? 112 GLY A CA  1 
ATOM   272 C C   . GLY A 1 36 ? 10.682  -1.923  -3.402  1.00 11.74 ? 112 GLY A C   1 
ATOM   273 O O   . GLY A 1 36 ? 11.011  -1.653  -2.252  1.00 11.61 ? 112 GLY A O   1 
ATOM   274 N N   . ASP A 1 37 ? 10.010  -1.075  -4.174  1.00 11.72 ? 113 ASP A N   1 
ATOM   275 C CA  . ASP A 1 37 ? 9.584   0.235   -3.679  1.00 10.53 ? 113 ASP A CA  1 
ATOM   276 C C   . ASP A 1 37 ? 8.507   0.069   -2.611  1.00 7.80  ? 113 ASP A C   1 
ATOM   277 O O   . ASP A 1 37 ? 7.605   -0.754  -2.753  1.00 7.46  ? 113 ASP A O   1 
ATOM   278 C CB  . ASP A 1 37 ? 9.016   1.098   -4.812  1.00 9.51  ? 113 ASP A CB  1 
ATOM   279 C CG  . ASP A 1 37 ? 10.090  1.715   -5.694  1.00 11.04 ? 113 ASP A CG  1 
ATOM   280 O OD1 . ASP A 1 37 ? 11.293  1.547   -5.419  1.00 11.26 ? 113 ASP A OD1 1 
ATOM   281 O OD2 . ASP A 1 37 ? 9.717   2.375   -6.682  1.00 13.84 ? 113 ASP A OD2 1 
ATOM   282 N N   . THR A 1 38 ? 8.604   0.856   -1.545  1.00 8.18  ? 114 THR A N   1 
ATOM   283 C CA  . THR A 1 38 ? 7.624   0.806   -0.468  1.00 7.29  ? 114 THR A CA  1 
ATOM   284 C C   . THR A 1 38 ? 6.357   1.525   -0.943  1.00 6.88  ? 114 THR A C   1 
ATOM   285 O O   . THR A 1 38 ? 6.421   2.623   -1.489  1.00 8.57  ? 114 THR A O   1 
ATOM   286 C CB  . THR A 1 38 ? 8.172   1.482   0.803   1.00 8.43  ? 114 THR A CB  1 
ATOM   287 O OG1 . THR A 1 38 ? 9.365   0.809   1.217   1.00 11.77 ? 114 THR A OG1 1 
ATOM   288 C CG2 . THR A 1 38 ? 7.156   1.406   1.944   1.00 9.58  ? 114 THR A CG2 1 
ATOM   289 N N   . LEU A 1 39 ? 5.211   0.884   -0.759  1.00 7.04  ? 115 LEU A N   1 
ATOM   290 C CA  . LEU A 1 39 ? 3.937   1.460   -1.177  1.00 5.86  ? 115 LEU A CA  1 
ATOM   291 C C   . LEU A 1 39 ? 3.151   2.020   -0.001  1.00 6.02  ? 115 LEU A C   1 
ATOM   292 O O   . LEU A 1 39 ? 2.458   3.034   -0.123  1.00 5.74  ? 115 LEU A O   1 
ATOM   293 C CB  . LEU A 1 39 ? 3.081   0.392   -1.858  1.00 4.20  ? 115 LEU A CB  1 
ATOM   294 C CG  . LEU A 1 39 ? 3.755   -0.376  -3.001  1.00 9.03  ? 115 LEU A CG  1 
ATOM   295 C CD1 . LEU A 1 39 ? 2.808   -1.440  -3.527  1.00 9.93  ? 115 LEU A CD1 1 
ATOM   296 C CD2 . LEU A 1 39 ? 4.190   0.590   -4.106  1.00 7.50  ? 115 LEU A CD2 1 
ATOM   297 N N   . CYS A 1 40 ? 3.263   1.350   1.136   1.00 5.61  ? 116 CYS A N   1 
ATOM   298 C CA  . CYS A 1 40 ? 2.527   1.737   2.319   1.00 6.21  ? 116 CYS A CA  1 
ATOM   299 C C   . CYS A 1 40 ? 3.025   0.912   3.495   1.00 6.81  ? 116 CYS A C   1 
ATOM   300 O O   . CYS A 1 40 ? 3.965   0.122   3.364   1.00 4.75  ? 116 CYS A O   1 
ATOM   301 C CB  . CYS A 1 40 ? 1.038   1.449   2.096   1.00 4.96  ? 116 CYS A CB  1 
ATOM   302 S SG  . CYS A 1 40 ? 0.711   -0.299  1.653   1.00 11.12 ? 116 CYS A SG  1 
ATOM   303 N N   . ILE A 1 41 ? 2.380   1.112   4.637   1.00 5.14  ? 117 ILE A N   1 
ATOM   304 C CA  . ILE A 1 41 ? 2.701   0.421   5.869   1.00 6.95  ? 117 ILE A CA  1 
ATOM   305 C C   . ILE A 1 41 ? 1.410   -0.108  6.486   1.00 6.79  ? 117 ILE A C   1 
ATOM   306 O O   . ILE A 1 41 ? 0.355   0.535   6.382   1.00 5.50  ? 117 ILE A O   1 
ATOM   307 C CB  . ILE A 1 41 ? 3.361   1.408   6.885   1.00 6.41  ? 117 ILE A CB  1 
ATOM   308 C CG1 . ILE A 1 41 ? 4.798   1.712   6.459   1.00 8.08  ? 117 ILE A CG1 1 
ATOM   309 C CG2 . ILE A 1 41 ? 3.296   0.851   8.311   1.00 7.41  ? 117 ILE A CG2 1 
ATOM   310 C CD1 . ILE A 1 41 ? 5.483   2.750   7.305   1.00 13.37 ? 117 ILE A CD1 1 
ATOM   311 N N   . VAL A 1 42 ? 1.464   -1.324  7.024   1.00 5.57  ? 118 VAL A N   1 
ATOM   312 C CA  . VAL A 1 42 ? 0.329   -1.892  7.737   1.00 5.61  ? 118 VAL A CA  1 
ATOM   313 C C   . VAL A 1 42 ? 0.912   -2.092  9.123   1.00 6.77  ? 118 VAL A C   1 
ATOM   314 O O   . VAL A 1 42 ? 1.992   -2.667  9.271   1.00 8.42  ? 118 VAL A O   1 
ATOM   315 C CB  . VAL A 1 42 ? -0.170  -3.227  7.165   1.00 5.63  ? 118 VAL A CB  1 
ATOM   316 C CG1 . VAL A 1 42 ? -1.246  -3.814  8.085   1.00 8.69  ? 118 VAL A CG1 1 
ATOM   317 C CG2 . VAL A 1 42 ? -0.763  -3.001  5.799   1.00 8.04  ? 118 VAL A CG2 1 
ATOM   318 N N   . GLU A 1 43 ? 0.198   -1.604  10.126  1.00 6.72  ? 119 GLU A N   1 
ATOM   319 C CA  . GLU A 1 43 ? 0.642   -1.655  11.504  1.00 7.65  ? 119 GLU A CA  1 
ATOM   320 C C   . GLU A 1 43 ? -0.315  -2.409  12.420  1.00 7.94  ? 119 GLU A C   1 
ATOM   321 O O   . GLU A 1 43 ? -1.530  -2.337  12.257  1.00 8.36  ? 119 GLU A O   1 
ATOM   322 C CB  . GLU A 1 43 ? 0.809   -0.205  11.984  1.00 7.48  ? 119 GLU A CB  1 
ATOM   323 C CG  . GLU A 1 43 ? 1.208   -0.003  13.445  1.00 8.96  ? 119 GLU A CG  1 
ATOM   324 C CD  . GLU A 1 43 ? 0.023   0.101   14.393  1.00 11.85 ? 119 GLU A CD  1 
ATOM   325 O OE1 . GLU A 1 43 ? -1.070  0.531   13.977  1.00 15.60 ? 119 GLU A OE1 1 
ATOM   326 O OE2 . GLU A 1 43 ? 0.188   -0.254  15.570  1.00 14.65 ? 119 GLU A OE2 1 
ATOM   327 N N   . ALA A 1 44 ? 0.242   -3.165  13.362  1.00 11.78 ? 120 ALA A N   1 
ATOM   328 C CA  . ALA A 1 44 ? -0.562  -3.891  14.345  1.00 13.16 ? 120 ALA A CA  1 
ATOM   329 C C   . ALA A 1 44 ? 0.225   -3.866  15.642  1.00 14.65 ? 120 ALA A C   1 
ATOM   330 O O   . ALA A 1 44 ? 1.304   -4.441  15.712  1.00 12.46 ? 120 ALA A O   1 
ATOM   331 C CB  . ALA A 1 44 ? -0.799  -5.334  13.904  1.00 15.26 ? 120 ALA A CB  1 
ATOM   332 N N   . MET A 1 45 ? -0.279  -3.142  16.639  1.00 14.78 ? 121 MET A N   1 
ATOM   333 C CA  . MET A 1 45 ? 0.379   -3.041  17.940  1.00 18.15 ? 121 MET A CA  1 
ATOM   334 C C   . MET A 1 45 ? 1.853   -2.638  17.821  1.00 18.00 ? 121 MET A C   1 
ATOM   335 O O   . MET A 1 45 ? 2.732   -3.253  18.429  1.00 19.18 ? 121 MET A O   1 
ATOM   336 C CB  . MET A 1 45 ? 0.251   -4.362  18.714  1.00 19.46 ? 121 MET A CB  1 
ATOM   337 C CG  . MET A 1 45 ? -1.161  -4.688  19.201  1.00 23.35 ? 121 MET A CG  1 
ATOM   338 S SD  . MET A 1 45 ? -1.785  -3.555  20.475  1.00 30.20 ? 121 MET A SD  1 
ATOM   339 C CE  . MET A 1 45 ? -2.917  -2.565  19.513  1.00 30.73 ? 121 MET A CE  1 
ATOM   340 N N   . LYS A 1 46 ? 2.106   -1.614  17.010  1.00 16.55 ? 122 LYS A N   1 
ATOM   341 C CA  . LYS A 1 46 ? 3.437   -1.069  16.771  1.00 17.88 ? 122 LYS A CA  1 
ATOM   342 C C   . LYS A 1 46 ? 4.316   -1.927  15.862  1.00 18.82 ? 122 LYS A C   1 
ATOM   343 O O   . LYS A 1 46 ? 5.447   -1.549  15.570  1.00 18.20 ? 122 LYS A O   1 
ATOM   344 C CB  . LYS A 1 46 ? 4.153   -0.778  18.095  1.00 23.17 ? 122 LYS A CB  1 
ATOM   345 C CG  . LYS A 1 46 ? 3.336   0.030   19.108  1.00 28.24 ? 122 LYS A CG  1 
ATOM   346 C CD  . LYS A 1 46 ? 3.415   1.533   18.888  1.00 32.42 ? 122 LYS A CD  1 
ATOM   347 C CE  . LYS A 1 46 ? 2.459   2.037   17.824  1.00 33.67 ? 122 LYS A CE  1 
ATOM   348 N NZ  . LYS A 1 46 ? 2.614   3.479   17.637  1.00 38.32 ? 122 LYS A NZ  1 
ATOM   349 N N   . MET A 1 47 ? 3.823   -3.092  15.444  1.00 19.06 ? 123 MET A N   1 
ATOM   350 C CA  . MET A 1 47 ? 4.571   -3.946  14.523  1.00 18.57 ? 123 MET A CA  1 
ATOM   351 C C   . MET A 1 47 ? 4.240   -3.315  13.173  1.00 18.18 ? 123 MET A C   1 
ATOM   352 O O   . MET A 1 47 ? 3.095   -3.369  12.726  1.00 19.59 ? 123 MET A O   1 
ATOM   353 C CB  . MET A 1 47 ? 4.076   -5.399  14.588  1.00 19.48 ? 123 MET A CB  1 
ATOM   354 C CG  . MET A 1 47 ? 4.321   -6.101  15.931  1.00 24.60 ? 123 MET A CG  1 
ATOM   355 S SD  . MET A 1 47 ? 3.786   -7.858  15.995  1.00 30.63 ? 123 MET A SD  1 
ATOM   356 C CE  . MET A 1 47 ? 2.194   -7.725  16.880  1.00 24.75 ? 123 MET A CE  1 
ATOM   357 N N   . MET A 1 48 ? 5.221   -2.654  12.570  1.00 18.21 ? 124 MET A N   1 
ATOM   358 C CA  . MET A 1 48 ? 5.036   -1.952  11.298  1.00 20.73 ? 124 MET A CA  1 
ATOM   359 C C   . MET A 1 48 ? 5.629   -2.660  10.084  1.00 19.73 ? 124 MET A C   1 
ATOM   360 O O   . MET A 1 48 ? 6.841   -2.694  9.899   1.00 24.93 ? 124 MET A O   1 
ATOM   361 C CB  . MET A 1 48 ? 5.593   -0.535  11.411  1.00 20.39 ? 124 MET A CB  1 
ATOM   362 C CG  . MET A 1 48 ? 5.059   0.180   12.635  1.00 23.41 ? 124 MET A CG  1 
ATOM   363 S SD  . MET A 1 48 ? 4.850   1.929   12.418  1.00 23.83 ? 124 MET A SD  1 
ATOM   364 C CE  . MET A 1 48 ? 4.826   2.476   14.137  1.00 19.12 ? 124 MET A CE  1 
ATOM   365 N N   . ASN A 1 49 ? 4.751   -3.171  9.235   1.00 16.53 ? 125 ASN A N   1 
ATOM   366 C CA  . ASN A 1 49 ? 5.136   -3.912  8.045   1.00 13.83 ? 125 ASN A CA  1 
ATOM   367 C C   . ASN A 1 49 ? 5.128   -2.996  6.817   1.00 13.43 ? 125 ASN A C   1 
ATOM   368 O O   . ASN A 1 49 ? 4.097   -2.398  6.489   1.00 11.30 ? 125 ASN A O   1 
ATOM   369 C CB  . ASN A 1 49 ? 4.139   -5.070  7.879   1.00 19.33 ? 125 ASN A CB  1 
ATOM   370 C CG  . ASN A 1 49 ? 4.560   -6.093  6.826   1.00 27.45 ? 125 ASN A CG  1 
ATOM   371 O OD1 . ASN A 1 49 ? 5.304   -5.790  5.890   1.00 32.40 ? 125 ASN A OD1 1 
ATOM   372 N ND2 . ASN A 1 49 ? 4.058   -7.316  6.970   1.00 28.34 ? 125 ASN A ND2 1 
ATOM   373 N N   . GLN A 1 50 ? 6.294   -2.816  6.200   1.00 9.90  ? 126 GLN A N   1 
ATOM   374 C CA  . GLN A 1 50 ? 6.417   -1.998  4.989   1.00 11.28 ? 126 GLN A CA  1 
ATOM   375 C C   . GLN A 1 50 ? 6.105   -2.881  3.783   1.00 11.53 ? 126 GLN A C   1 
ATOM   376 O O   . GLN A 1 50 ? 6.806   -3.854  3.519   1.00 12.73 ? 126 GLN A O   1 
ATOM   377 C CB  . GLN A 1 50 ? 7.823   -1.417  4.854   1.00 16.48 ? 126 GLN A CB  1 
ATOM   378 C CG  . GLN A 1 50 ? 8.190   -0.438  5.946   1.00 21.62 ? 126 GLN A CG  1 
ATOM   379 C CD  . GLN A 1 50 ? 9.590   0.112   5.787   1.00 24.91 ? 126 GLN A CD  1 
ATOM   380 O OE1 . GLN A 1 50 ? 9.907   0.760   4.792   1.00 30.55 ? 126 GLN A OE1 1 
ATOM   381 N NE2 . GLN A 1 50 ? 10.433  -0.134  6.777   1.00 29.50 ? 126 GLN A NE2 1 
ATOM   382 N N   . ILE A 1 51 ? 5.041   -2.541  3.068   1.00 6.88  ? 127 ILE A N   1 
ATOM   383 C CA  . ILE A 1 51 ? 4.597   -3.299  1.906   1.00 8.34  ? 127 ILE A CA  1 
ATOM   384 C C   . ILE A 1 51 ? 5.312   -2.799  0.657   1.00 9.09  ? 127 ILE A C   1 
ATOM   385 O O   . ILE A 1 51 ? 5.198   -1.632  0.308   1.00 8.83  ? 127 ILE A O   1 
ATOM   386 C CB  . ILE A 1 51 ? 3.069   -3.143  1.700   1.00 9.56  ? 127 ILE A CB  1 
ATOM   387 C CG1 . ILE A 1 51 ? 2.316   -3.450  3.000   1.00 13.75 ? 127 ILE A CG1 1 
ATOM   388 C CG2 . ILE A 1 51 ? 2.594   -4.003  0.526   1.00 13.60 ? 127 ILE A CG2 1 
ATOM   389 C CD1 . ILE A 1 51 ? 2.731   -4.716  3.681   1.00 15.37 ? 127 ILE A CD1 1 
ATOM   390 N N   . GLU A 1 52 ? 6.010   -3.689  -0.035  1.00 9.19  ? 128 GLU A N   1 
ATOM   391 C CA  . GLU A 1 52 ? 6.751   -3.315  -1.235  1.00 10.58 ? 128 GLU A CA  1 
ATOM   392 C C   . GLU A 1 52 ? 6.118   -3.825  -2.518  1.00 9.20  ? 128 GLU A C   1 
ATOM   393 O O   . GLU A 1 52 ? 5.376   -4.812  -2.511  1.00 9.94  ? 128 GLU A O   1 
ATOM   394 C CB  . GLU A 1 52 ? 8.171   -3.870  -1.168  1.00 14.73 ? 128 GLU A CB  1 
ATOM   395 C CG  . GLU A 1 52 ? 8.918   -3.535  0.100   1.00 21.76 ? 128 GLU A CG  1 
ATOM   396 C CD  . GLU A 1 52 ? 10.284  -4.201  0.159   1.00 27.17 ? 128 GLU A CD  1 
ATOM   397 O OE1 . GLU A 1 52 ? 10.509  -5.202  -0.562  1.00 30.20 ? 128 GLU A OE1 1 
ATOM   398 O OE2 . GLU A 1 52 ? 11.132  -3.715  0.935   1.00 32.08 ? 128 GLU A OE2 1 
ATOM   399 N N   . ALA A 1 53 ? 6.432   -3.158  -3.623  1.00 7.74  ? 129 ALA A N   1 
ATOM   400 C CA  . ALA A 1 53 ? 5.933   -3.561  -4.926  1.00 7.48  ? 129 ALA A CA  1 
ATOM   401 C C   . ALA A 1 53 ? 6.659   -4.851  -5.321  1.00 9.57  ? 129 ALA A C   1 
ATOM   402 O O   . ALA A 1 53 ? 7.860   -4.984  -5.095  1.00 8.57  ? 129 ALA A O   1 
ATOM   403 C CB  . ALA A 1 53 ? 6.196   -2.462  -5.966  1.00 7.03  ? 129 ALA A CB  1 
ATOM   404 N N   . ASP A 1 54 ? 5.910   -5.824  -5.825  1.00 10.71 ? 130 ASP A N   1 
ATOM   405 C CA  . ASP A 1 54 ? 6.484   -7.097  -6.265  1.00 14.36 ? 130 ASP A CA  1 
ATOM   406 C C   . ASP A 1 54 ? 6.680   -7.114  -7.779  1.00 15.59 ? 130 ASP A C   1 
ATOM   407 O O   . ASP A 1 54 ? 7.156   -8.092  -8.351  1.00 14.52 ? 130 ASP A O   1 
ATOM   408 C CB  . ASP A 1 54 ? 5.643   -8.292  -5.792  1.00 18.87 ? 130 ASP A CB  1 
ATOM   409 C CG  . ASP A 1 54 ? 4.170   -8.165  -6.139  1.00 24.63 ? 130 ASP A CG  1 
ATOM   410 O OD1 . ASP A 1 54 ? 3.637   -7.034  -6.168  1.00 26.35 ? 130 ASP A OD1 1 
ATOM   411 O OD2 . ASP A 1 54 ? 3.521   -9.209  -6.350  1.00 29.99 ? 130 ASP A OD2 1 
ATOM   412 N N   . LYS A 1 55 ? 6.290   -6.022  -8.424  1.00 16.26 ? 131 LYS A N   1 
ATOM   413 C CA  . LYS A 1 55 ? 6.465   -5.856  -9.856  1.00 17.65 ? 131 LYS A CA  1 
ATOM   414 C C   . LYS A 1 55 ? 6.420   -4.376  -10.193 1.00 14.29 ? 131 LYS A C   1 
ATOM   415 O O   . LYS A 1 55 ? 5.837   -3.580  -9.454  1.00 11.74 ? 131 LYS A O   1 
ATOM   416 C CB  . LYS A 1 55 ? 5.449   -6.664  -10.670 1.00 23.18 ? 131 LYS A CB  1 
ATOM   417 C CG  . LYS A 1 55 ? 3.999   -6.266  -10.550 1.00 28.91 ? 131 LYS A CG  1 
ATOM   418 C CD  . LYS A 1 55 ? 3.139   -7.304  -11.264 1.00 33.02 ? 131 LYS A CD  1 
ATOM   419 C CE  . LYS A 1 55 ? 3.326   -8.698  -10.648 1.00 36.98 ? 131 LYS A CE  1 
ATOM   420 N NZ  . LYS A 1 55 ? 2.640   -9.795  -11.400 1.00 40.74 ? 131 LYS A NZ  1 
ATOM   421 N N   . SER A 1 56 ? 7.131   -4.011  -11.249 1.00 12.29 ? 132 SER A N   1 
ATOM   422 C CA  . SER A 1 56 ? 7.215   -2.634  -11.694 1.00 11.16 ? 132 SER A CA  1 
ATOM   423 C C   . SER A 1 56 ? 6.002   -2.250  -12.525 1.00 10.29 ? 132 SER A C   1 
ATOM   424 O O   . SER A 1 56 ? 5.442   -3.078  -13.234 1.00 12.08 ? 132 SER A O   1 
ATOM   425 C CB  . SER A 1 56 ? 8.509   -2.425  -12.483 1.00 12.62 ? 132 SER A CB  1 
ATOM   426 O OG  . SER A 1 56 ? 9.645   -2.705  -11.663 1.00 14.61 ? 132 SER A OG  1 
ATOM   427 N N   . GLY A 1 57 ? 5.588   -0.994  -12.411 1.00 10.92 ? 133 GLY A N   1 
ATOM   428 C CA  . GLY A 1 57 ? 4.439   -0.521  -13.160 1.00 10.41 ? 133 GLY A CA  1 
ATOM   429 C C   . GLY A 1 57 ? 3.997   0.850   -12.688 1.00 9.32  ? 133 GLY A C   1 
ATOM   430 O O   . GLY A 1 57 ? 4.761   1.568   -12.046 1.00 10.11 ? 133 GLY A O   1 
ATOM   431 N N   . THR A 1 58 ? 2.766   1.214   -13.010 1.00 9.54  ? 134 THR A N   1 
ATOM   432 C CA  . THR A 1 58 ? 2.210   2.501   -12.620 1.00 9.84  ? 134 THR A CA  1 
ATOM   433 C C   . THR A 1 58 ? 1.082   2.279   -11.611 1.00 5.26  ? 134 THR A C   1 
ATOM   434 O O   . THR A 1 58 ? 0.293   1.348   -11.746 1.00 9.31  ? 134 THR A O   1 
ATOM   435 C CB  . THR A 1 58 ? 1.658   3.247   -13.858 1.00 12.80 ? 134 THR A CB  1 
ATOM   436 O OG1 . THR A 1 58 ? 2.734   3.506   -14.769 1.00 18.20 ? 134 THR A OG1 1 
ATOM   437 C CG2 . THR A 1 58 ? 1.003   4.560   -13.464 1.00 11.07 ? 134 THR A CG2 1 
ATOM   438 N N   . VAL A 1 59 ? 1.062   3.088   -10.560 1.00 6.38  ? 135 VAL A N   1 
ATOM   439 C CA  . VAL A 1 59 ? 0.016   2.992   -9.550  1.00 6.10  ? 135 VAL A CA  1 
ATOM   440 C C   . VAL A 1 59 ? -1.288  3.465   -10.192 1.00 7.07  ? 135 VAL A C   1 
ATOM   441 O O   . VAL A 1 59 ? -1.419  4.625   -10.585 1.00 10.24 ? 135 VAL A O   1 
ATOM   442 C CB  . VAL A 1 59 ? 0.347   3.857   -8.303  1.00 4.52  ? 135 VAL A CB  1 
ATOM   443 C CG1 . VAL A 1 59 ? -0.748  3.702   -7.252  1.00 6.19  ? 135 VAL A CG1 1 
ATOM   444 C CG2 . VAL A 1 59 ? 1.705   3.453   -7.732  1.00 6.72  ? 135 VAL A CG2 1 
ATOM   445 N N   . LYS A 1 60 ? -2.213  2.535   -10.361 1.00 5.96  ? 136 LYS A N   1 
ATOM   446 C CA  . LYS A 1 60 ? -3.504  2.793   -10.968 1.00 7.80  ? 136 LYS A CA  1 
ATOM   447 C C   . LYS A 1 60 ? -4.525  3.289   -9.955  1.00 8.54  ? 136 LYS A C   1 
ATOM   448 O O   . LYS A 1 60 ? -5.325  4.175   -10.252 1.00 7.50  ? 136 LYS A O   1 
ATOM   449 C CB  . LYS A 1 60 ? -3.999  1.504   -11.610 1.00 9.73  ? 136 LYS A CB  1 
ATOM   450 C CG  . LYS A 1 60 ? -5.331  1.585   -12.307 1.00 18.12 ? 136 LYS A CG  1 
ATOM   451 C CD  . LYS A 1 60 ? -5.715  0.187   -12.764 1.00 23.97 ? 136 LYS A CD  1 
ATOM   452 C CE  . LYS A 1 60 ? -7.016  0.156   -13.525 1.00 30.47 ? 136 LYS A CE  1 
ATOM   453 N NZ  . LYS A 1 60 ? -6.808  -0.678  -14.731 1.00 35.39 ? 136 LYS A NZ  1 
ATOM   454 N N   . ALA A 1 61 ? -4.492  2.725   -8.755  1.00 8.64  ? 137 ALA A N   1 
ATOM   455 C CA  . ALA A 1 61 ? -5.438  3.111   -7.714  1.00 5.92  ? 137 ALA A CA  1 
ATOM   456 C C   . ALA A 1 61 ? -4.972  2.677   -6.329  1.00 6.83  ? 137 ALA A C   1 
ATOM   457 O O   . ALA A 1 61 ? -4.219  1.707   -6.189  1.00 4.60  ? 137 ALA A O   1 
ATOM   458 C CB  . ALA A 1 61 ? -6.803  2.500   -8.004  1.00 5.52  ? 137 ALA A CB  1 
ATOM   459 N N   . ILE A 1 62 ? -5.392  3.432   -5.322  1.00 4.79  ? 138 ILE A N   1 
ATOM   460 C CA  . ILE A 1 62 ? -5.099  3.144   -3.922  1.00 6.22  ? 138 ILE A CA  1 
ATOM   461 C C   . ILE A 1 62 ? -6.506  2.945   -3.347  1.00 7.05  ? 138 ILE A C   1 
ATOM   462 O O   . ILE A 1 62 ? -7.350  3.838   -3.391  1.00 6.92  ? 138 ILE A O   1 
ATOM   463 C CB  . ILE A 1 62 ? -4.336  4.294   -3.236  1.00 6.51  ? 138 ILE A CB  1 
ATOM   464 C CG1 . ILE A 1 62 ? -2.980  4.493   -3.936  1.00 7.56  ? 138 ILE A CG1 1 
ATOM   465 C CG2 . ILE A 1 62 ? -4.135  3.971   -1.753  1.00 4.85  ? 138 ILE A CG2 1 
ATOM   466 C CD1 . ILE A 1 62 ? -2.240  5.762   -3.564  1.00 9.15  ? 138 ILE A CD1 1 
ATOM   467 N N   . LEU A 1 63 ? -6.741  1.773   -2.780  1.00 4.94  ? 139 LEU A N   1 
ATOM   468 C CA  . LEU A 1 63 ? -8.065  1.385   -2.299  1.00 5.39  ? 139 LEU A CA  1 
ATOM   469 C C   . LEU A 1 63 ? -8.462  1.642   -0.849  1.00 5.95  ? 139 LEU A C   1 
ATOM   470 O O   . LEU A 1 63 ? -9.616  1.439   -0.490  1.00 9.42  ? 139 LEU A O   1 
ATOM   471 C CB  . LEU A 1 63 ? -8.293  -0.101  -2.624  1.00 5.56  ? 139 LEU A CB  1 
ATOM   472 C CG  . LEU A 1 63 ? -7.831  -0.542  -4.020  1.00 8.84  ? 139 LEU A CG  1 
ATOM   473 C CD1 . LEU A 1 63 ? -7.915  -2.045  -4.146  1.00 8.79  ? 139 LEU A CD1 1 
ATOM   474 C CD2 . LEU A 1 63 ? -8.656  0.126   -5.104  1.00 8.19  ? 139 LEU A CD2 1 
ATOM   475 N N   . VAL A 1 64 ? -7.535  2.120   -0.033  1.00 4.66  ? 140 VAL A N   1 
ATOM   476 C CA  . VAL A 1 64 ? -7.805  2.355   1.383   1.00 5.45  ? 140 VAL A CA  1 
ATOM   477 C C   . VAL A 1 64 ? -7.263  3.724   1.773   1.00 5.28  ? 140 VAL A C   1 
ATOM   478 O O   . VAL A 1 64 ? -6.330  4.219   1.151   1.00 7.38  ? 140 VAL A O   1 
ATOM   479 C CB  . VAL A 1 64 ? -7.110  1.254   2.263   1.00 5.75  ? 140 VAL A CB  1 
ATOM   480 C CG1 . VAL A 1 64 ? -7.460  1.433   3.741   1.00 8.20  ? 140 VAL A CG1 1 
ATOM   481 C CG2 . VAL A 1 64 ? -7.522  -0.148  1.805   1.00 7.81  ? 140 VAL A CG2 1 
ATOM   482 N N   . GLU A 1 65 ? -7.900  4.369   2.746   1.00 5.24  ? 141 GLU A N   1 
ATOM   483 C CA  . GLU A 1 65 ? -7.434  5.663   3.230   1.00 5.72  ? 141 GLU A CA  1 
ATOM   484 C C   . GLU A 1 65 ? -6.570  5.429   4.457   1.00 4.92  ? 141 GLU A C   1 
ATOM   485 O O   . GLU A 1 65 ? -6.767  4.448   5.169   1.00 5.96  ? 141 GLU A O   1 
ATOM   486 C CB  . GLU A 1 65 ? -8.612  6.570   3.603   1.00 6.12  ? 141 GLU A CB  1 
ATOM   487 C CG  . GLU A 1 65 ? -9.467  6.989   2.418   1.00 6.57  ? 141 GLU A CG  1 
ATOM   488 C CD  . GLU A 1 65 ? -10.441 8.096   2.766   1.00 11.45 ? 141 GLU A CD  1 
ATOM   489 O OE1 . GLU A 1 65 ? -11.055 8.056   3.844   1.00 14.57 ? 141 GLU A OE1 1 
ATOM   490 O OE2 . GLU A 1 65 ? -10.603 9.017   1.963   1.00 11.81 ? 141 GLU A OE2 1 
ATOM   491 N N   . SER A 1 66 ? -5.633  6.339   4.714   1.00 9.13  ? 142 SER A N   1 
ATOM   492 C CA  . SER A 1 66 ? -4.740  6.248   5.876   1.00 10.25 ? 142 SER A CA  1 
ATOM   493 C C   . SER A 1 66 ? -5.527  6.180   7.174   1.00 10.87 ? 142 SER A C   1 
ATOM   494 O O   . SER A 1 66 ? -6.519  6.887   7.338   1.00 10.84 ? 142 SER A O   1 
ATOM   495 C CB  . SER A 1 66 ? -3.824  7.468   5.952   1.00 12.81 ? 142 SER A CB  1 
ATOM   496 O OG  . SER A 1 66 ? -2.856  7.447   4.931   1.00 17.28 ? 142 SER A OG  1 
ATOM   497 N N   . GLY A 1 67 ? -5.056  5.355   8.103   1.00 8.71  ? 143 GLY A N   1 
ATOM   498 C CA  . GLY A 1 67 ? -5.721  5.206   9.384   1.00 8.11  ? 143 GLY A CA  1 
ATOM   499 C C   . GLY A 1 67 ? -6.858  4.209   9.413   1.00 8.71  ? 143 GLY A C   1 
ATOM   500 O O   . GLY A 1 67 ? -7.438  3.970   10.469  1.00 10.48 ? 143 GLY A O   1 
ATOM   501 N N   . GLN A 1 68 ? -7.171  3.604   8.269   1.00 9.41  ? 144 GLN A N   1 
ATOM   502 C CA  . GLN A 1 68 ? -8.251  2.633   8.209   1.00 9.20  ? 144 GLN A CA  1 
ATOM   503 C C   . GLN A 1 68 ? -7.767  1.208   8.442   1.00 7.15  ? 144 GLN A C   1 
ATOM   504 O O   . GLN A 1 68 ? -6.665  0.836   8.038   1.00 5.09  ? 144 GLN A O   1 
ATOM   505 C CB  . GLN A 1 68 ? -8.999  2.718   6.875   1.00 12.96 ? 144 GLN A CB  1 
ATOM   506 C CG  . GLN A 1 68 ? -9.740  4.030   6.668   1.00 20.14 ? 144 GLN A CG  1 
ATOM   507 C CD  . GLN A 1 68 ? -10.618 4.401   7.855   1.00 28.86 ? 144 GLN A CD  1 
ATOM   508 O OE1 . GLN A 1 68 ? -11.513 3.647   8.243   1.00 30.21 ? 144 GLN A OE1 1 
ATOM   509 N NE2 . GLN A 1 68 ? -10.360 5.569   8.438   1.00 31.30 ? 144 GLN A NE2 1 
ATOM   510 N N   . PRO A 1 69 ? -8.554  0.418   9.177   1.00 9.51  ? 145 PRO A N   1 
ATOM   511 C CA  . PRO A 1 69 ? -8.184  -0.970  9.453   1.00 8.00  ? 145 PRO A CA  1 
ATOM   512 C C   . PRO A 1 69 ? -8.319  -1.830  8.197   1.00 8.62  ? 145 PRO A C   1 
ATOM   513 O O   . PRO A 1 69 ? -9.207  -1.603  7.376   1.00 9.37  ? 145 PRO A O   1 
ATOM   514 C CB  . PRO A 1 69 ? -9.172  -1.381  10.546  1.00 11.79 ? 145 PRO A CB  1 
ATOM   515 C CG  . PRO A 1 69 ? -10.364 -0.498  10.312  1.00 14.92 ? 145 PRO A CG  1 
ATOM   516 C CD  . PRO A 1 69 ? -9.736  0.826   9.959   1.00 11.62 ? 145 PRO A CD  1 
ATOM   517 N N   . VAL A 1 70 ? -7.390  -2.761  8.010   1.00 7.69  ? 146 VAL A N   1 
ATOM   518 C CA  . VAL A 1 70 ? -7.421  -3.661  6.864   1.00 7.46  ? 146 VAL A CA  1 
ATOM   519 C C   . VAL A 1 70 ? -7.345  -5.102  7.354   1.00 6.73  ? 146 VAL A C   1 
ATOM   520 O O   . VAL A 1 70 ? -6.835  -5.368  8.433   1.00 6.32  ? 146 VAL A O   1 
ATOM   521 C CB  . VAL A 1 70 ? -6.273  -3.378  5.845   1.00 4.91  ? 146 VAL A CB  1 
ATOM   522 C CG1 . VAL A 1 70 ? -6.492  -2.029  5.159   1.00 5.52  ? 146 VAL A CG1 1 
ATOM   523 C CG2 . VAL A 1 70 ? -4.920  -3.411  6.536   1.00 3.91  ? 146 VAL A CG2 1 
ATOM   524 N N   . GLU A 1 71 ? -7.905  -6.012  6.568   1.00 9.52  ? 147 GLU A N   1 
ATOM   525 C CA  . GLU A 1 71 ? -7.935  -7.434  6.881   1.00 11.82 ? 147 GLU A CA  1 
ATOM   526 C C   . GLU A 1 71 ? -6.866  -8.162  6.070   1.00 7.74  ? 147 GLU A C   1 
ATOM   527 O O   . GLU A 1 71 ? -6.300  -7.606  5.130   1.00 6.40  ? 147 GLU A O   1 
ATOM   528 C CB  . GLU A 1 71 ? -9.300  -8.003  6.494   1.00 17.03 ? 147 GLU A CB  1 
ATOM   529 C CG  . GLU A 1 71 ? -10.479 -7.325  7.162   1.00 31.59 ? 147 GLU A CG  1 
ATOM   530 C CD  . GLU A 1 71 ? -11.820 -7.837  6.655   1.00 41.65 ? 147 GLU A CD  1 
ATOM   531 O OE1 . GLU A 1 71 ? -11.916 -8.251  5.474   1.00 44.76 ? 147 GLU A OE1 1 
ATOM   532 O OE2 . GLU A 1 71 ? -12.783 -7.831  7.453   1.00 48.46 ? 147 GLU A OE2 1 
ATOM   533 N N   . PHE A 1 72 ? -6.604  -9.413  6.435   1.00 7.46  ? 148 PHE A N   1 
ATOM   534 C CA  . PHE A 1 72 ? -5.632  -10.220 5.724   1.00 6.82  ? 148 PHE A CA  1 
ATOM   535 C C   . PHE A 1 72 ? -6.189  -10.398 4.312   1.00 5.58  ? 148 PHE A C   1 
ATOM   536 O O   . PHE A 1 72 ? -7.392  -10.593 4.146   1.00 7.72  ? 148 PHE A O   1 
ATOM   537 C CB  . PHE A 1 72 ? -5.486  -11.587 6.406   1.00 10.39 ? 148 PHE A CB  1 
ATOM   538 C CG  . PHE A 1 72 ? -4.559  -12.522 5.689   1.00 9.38  ? 148 PHE A CG  1 
ATOM   539 C CD1 . PHE A 1 72 ? -3.195  -12.450 5.892   1.00 11.05 ? 148 PHE A CD1 1 
ATOM   540 C CD2 . PHE A 1 72 ? -5.049  -13.441 4.780   1.00 11.00 ? 148 PHE A CD2 1 
ATOM   541 C CE1 . PHE A 1 72 ? -2.336  -13.275 5.193   1.00 11.51 ? 148 PHE A CE1 1 
ATOM   542 C CE2 . PHE A 1 72 ? -4.193  -14.264 4.079   1.00 11.45 ? 148 PHE A CE2 1 
ATOM   543 C CZ  . PHE A 1 72 ? -2.836  -14.177 4.289   1.00 13.98 ? 148 PHE A CZ  1 
ATOM   544 N N   . ASP A 1 73 ? -5.323  -10.283 3.310   1.00 6.91  ? 149 ASP A N   1 
ATOM   545 C CA  . ASP A 1 73 ? -5.692  -10.433 1.899   1.00 6.85  ? 149 ASP A CA  1 
ATOM   546 C C   . ASP A 1 73 ? -6.542  -9.311  1.304   1.00 6.91  ? 149 ASP A C   1 
ATOM   547 O O   . ASP A 1 73 ? -6.983  -9.395  0.153   1.00 8.06  ? 149 ASP A O   1 
ATOM   548 C CB  . ASP A 1 73 ? -6.365  -11.783 1.641   1.00 7.64  ? 149 ASP A CB  1 
ATOM   549 C CG  . ASP A 1 73 ? -5.451  -12.764 0.945   1.00 11.62 ? 149 ASP A CG  1 
ATOM   550 O OD1 . ASP A 1 73 ? -4.368  -12.345 0.485   1.00 10.50 ? 149 ASP A OD1 1 
ATOM   551 O OD2 . ASP A 1 73 ? -5.808  -13.957 0.853   1.00 13.27 ? 149 ASP A OD2 1 
ATOM   552 N N   . GLU A 1 74 ? -6.726  -8.235  2.059   1.00 8.12  ? 150 GLU A N   1 
ATOM   553 C CA  . GLU A 1 74 ? -7.516  -7.115  1.570   1.00 7.90  ? 150 GLU A CA  1 
ATOM   554 C C   . GLU A 1 74 ? -6.743  -6.304  0.525   1.00 3.70  ? 150 GLU A C   1 
ATOM   555 O O   . GLU A 1 74 ? -5.564  -6.007  0.704   1.00 3.66  ? 150 GLU A O   1 
ATOM   556 C CB  . GLU A 1 74 ? -7.944  -6.212  2.728   1.00 10.95 ? 150 GLU A CB  1 
ATOM   557 C CG  . GLU A 1 74 ? -8.717  -4.996  2.263   1.00 9.13  ? 150 GLU A CG  1 
ATOM   558 C CD  . GLU A 1 74 ? -9.470  -4.293  3.363   1.00 11.07 ? 150 GLU A CD  1 
ATOM   559 O OE1 . GLU A 1 74 ? -9.439  -4.755  4.514   1.00 8.85  ? 150 GLU A OE1 1 
ATOM   560 O OE2 . GLU A 1 74 ? -10.109 -3.268  3.065   1.00 11.99 ? 150 GLU A OE2 1 
ATOM   561 N N   . PRO A 1 75 ? -7.384  -5.999  -0.619  1.00 6.66  ? 151 PRO A N   1 
ATOM   562 C CA  . PRO A 1 75 ? -6.742  -5.219  -1.684  1.00 6.44  ? 151 PRO A CA  1 
ATOM   563 C C   . PRO A 1 75 ? -6.363  -3.826  -1.186  1.00 5.82  ? 151 PRO A C   1 
ATOM   564 O O   . PRO A 1 75 ? -7.174  -3.106  -0.597  1.00 5.30  ? 151 PRO A O   1 
ATOM   565 C CB  . PRO A 1 75 ? -7.826  -5.150  -2.762  1.00 5.75  ? 151 PRO A CB  1 
ATOM   566 C CG  . PRO A 1 75 ? -8.571  -6.418  -2.572  1.00 7.46  ? 151 PRO A CG  1 
ATOM   567 C CD  . PRO A 1 75 ? -8.689  -6.517  -1.067  1.00 8.57  ? 151 PRO A CD  1 
ATOM   568 N N   . LEU A 1 76 ? -5.128  -3.442  -1.459  1.00 5.02  ? 152 LEU A N   1 
ATOM   569 C CA  . LEU A 1 76 ? -4.614  -2.153  -1.028  1.00 4.87  ? 152 LEU A CA  1 
ATOM   570 C C   . LEU A 1 76 ? -4.253  -1.219  -2.172  1.00 6.71  ? 152 LEU A C   1 
ATOM   571 O O   . LEU A 1 76 ? -4.663  -0.060  -2.185  1.00 7.05  ? 152 LEU A O   1 
ATOM   572 C CB  . LEU A 1 76 ? -3.364  -2.353  -0.174  1.00 5.18  ? 152 LEU A CB  1 
ATOM   573 C CG  . LEU A 1 76 ? -3.468  -3.248  1.060   1.00 5.03  ? 152 LEU A CG  1 
ATOM   574 C CD1 . LEU A 1 76 ? -2.081  -3.346  1.700   1.00 6.89  ? 152 LEU A CD1 1 
ATOM   575 C CD2 . LEU A 1 76 ? -4.481  -2.675  2.050   1.00 3.94  ? 152 LEU A CD2 1 
ATOM   576 N N   . VAL A 1 77 ? -3.473  -1.725  -3.121  1.00 4.34  ? 153 VAL A N   1 
ATOM   577 C CA  . VAL A 1 77 ? -2.997  -0.915  -4.236  1.00 6.50  ? 153 VAL A CA  1 
ATOM   578 C C   . VAL A 1 77 ? -3.078  -1.713  -5.528  1.00 7.05  ? 153 VAL A C   1 
ATOM   579 O O   . VAL A 1 77 ? -2.901  -2.927  -5.531  1.00 7.04  ? 153 VAL A O   1 
ATOM   580 C CB  . VAL A 1 77 ? -1.508  -0.485  -3.999  1.00 7.44  ? 153 VAL A CB  1 
ATOM   581 C CG1 . VAL A 1 77 ? -1.000  0.406   -5.137  1.00 6.22  ? 153 VAL A CG1 1 
ATOM   582 C CG2 . VAL A 1 77 ? -1.358  0.237   -2.646  1.00 5.31  ? 153 VAL A CG2 1 
ATOM   583 N N   . VAL A 1 78 ? -3.404  -1.026  -6.613  1.00 7.10  ? 154 VAL A N   1 
ATOM   584 C CA  . VAL A 1 78 ? -3.488  -1.638  -7.930  1.00 6.25  ? 154 VAL A CA  1 
ATOM   585 C C   . VAL A 1 78 ? -2.366  -1.057  -8.791  1.00 5.43  ? 154 VAL A C   1 
ATOM   586 O O   . VAL A 1 78 ? -2.193  0.160   -8.871  1.00 5.52  ? 154 VAL A O   1 
ATOM   587 C CB  . VAL A 1 78 ? -4.861  -1.358  -8.587  1.00 5.83  ? 154 VAL A CB  1 
ATOM   588 C CG1 . VAL A 1 78 ? -4.978  -2.111  -9.907  1.00 7.24  ? 154 VAL A CG1 1 
ATOM   589 C CG2 . VAL A 1 78 ? -5.987  -1.771  -7.646  1.00 9.64  ? 154 VAL A CG2 1 
ATOM   590 N N   . ILE A 1 79 ? -1.591  -1.938  -9.415  1.00 6.91  ? 155 ILE A N   1 
ATOM   591 C CA  . ILE A 1 79 ? -0.475  -1.553  -10.269 1.00 8.22  ? 155 ILE A CA  1 
ATOM   592 C C   . ILE A 1 79 ? -0.749  -2.075  -11.682 1.00 9.95  ? 155 ILE A C   1 
ATOM   593 O O   . ILE A 1 79 ? -1.093  -3.245  -11.856 1.00 12.34 ? 155 ILE A O   1 
ATOM   594 C CB  . ILE A 1 79 ? 0.851   -2.142  -9.722  1.00 8.32  ? 155 ILE A CB  1 
ATOM   595 C CG1 . ILE A 1 79 ? 1.166   -1.531  -8.348  1.00 8.00  ? 155 ILE A CG1 1 
ATOM   596 C CG2 . ILE A 1 79 ? 2.001   -1.894  -10.702 1.00 9.67  ? 155 ILE A CG2 1 
ATOM   597 C CD1 . ILE A 1 79 ? 2.306   -2.204  -7.625  1.00 16.54 ? 155 ILE A CD1 1 
ATOM   598 N N   . GLU A 1 80 ? -0.625  -1.182  -12.657 1.00 12.14 ? 156 GLU A N   1 
ATOM   599 C CA  . GLU A 1 80 ? -0.855  -1.471  -14.069 1.00 14.65 ? 156 GLU A CA  1 
ATOM   600 C C   A GLU A 1 80 ? 0.474   -1.527  -14.820 0.52 13.25 ? 156 GLU A C   1 
ATOM   601 C C   B GLU A 1 80 ? -2.341  -1.434  -14.447 0.16 14.33 ? 156 GLU A C   1 
ATOM   602 O O   A GLU A 1 80 ? 0.698   -2.504  -15.563 0.52 16.95 ? 156 GLU A O   1 
ATOM   603 O O   B GLU A 1 80 ? -2.866  -0.305  -14.598 0.16 15.63 ? 156 GLU A O   1 
ATOM   604 C CB  A GLU A 1 80 ? -1.783  -0.428  -14.685 0.52 17.68 ? 156 GLU A CB  1 
ATOM   605 C CB  B GLU A 1 80 ? -0.178  -2.774  -14.486 0.16 13.97 ? 156 GLU A CB  1 
ATOM   606 C CG  A GLU A 1 80 ? -2.484  -0.889  -15.955 0.52 24.87 ? 156 GLU A CG  1 
ATOM   607 C CG  B GLU A 1 80 ? 1.326   -2.717  -14.314 0.16 13.64 ? 156 GLU A CG  1 
ATOM   608 C CD  A GLU A 1 80 ? -3.974  -0.629  -15.915 0.52 26.19 ? 156 GLU A CD  1 
ATOM   609 C CD  B GLU A 1 80 ? 2.013   -3.950  -14.822 0.16 13.53 ? 156 GLU A CD  1 
ATOM   610 O OE1 A GLU A 1 80 ? -4.377  0.556   -15.923 0.52 27.75 ? 156 GLU A OE1 1 
ATOM   611 O OE1 B GLU A 1 80 ? 1.925   -4.200  -16.042 0.16 14.93 ? 156 GLU A OE1 1 
ATOM   612 O OE2 A GLU A 1 80 ? -4.754  -1.606  -15.852 0.52 27.65 ? 156 GLU A OE2 1 
ATOM   613 O OE2 B GLU A 1 80 ? 2.665   -4.644  -14.017 0.16 12.58 ? 156 GLU A OE2 1 
ATOM   614 O OXT A GLU A 1 80 ? 1.297   -0.614  -14.638 0.52 7.40  ? 156 GLU A OXT 1 
ATOM   615 O OXT B GLU A 1 80 ? -2.978  -2.499  -14.582 0.16 16.74 ? 156 GLU A OXT 1 
HETATM 616 C C11 . BTN B 2 .  ? 1.617   4.357   17.670  1.00 33.49 ? 157 BTN A C11 1 
HETATM 617 O O11 . BTN B 2 .  ? 0.458   4.037   17.916  1.00 36.32 ? 157 BTN A O11 1 
HETATM 618 C C10 . BTN B 2 .  ? 1.993   5.809   17.453  1.00 30.01 ? 157 BTN A C10 1 
HETATM 619 C C9  . BTN B 2 .  ? 1.706   6.307   16.037  1.00 27.06 ? 157 BTN A C9  1 
HETATM 620 C C8  . BTN B 2 .  ? 2.478   5.522   14.998  1.00 23.16 ? 157 BTN A C8  1 
HETATM 621 C C7  . BTN B 2 .  ? 2.602   6.292   13.705  1.00 18.54 ? 157 BTN A C7  1 
HETATM 622 C C2  . BTN B 2 .  ? 3.144   5.461   12.535  1.00 14.72 ? 157 BTN A C2  1 
HETATM 623 S S1  . BTN B 2 .  ? 4.709   6.070   11.799  1.00 14.53 ? 157 BTN A S1  1 
HETATM 624 C C6  . BTN B 2 .  ? 4.336   5.146   10.266  1.00 10.74 ? 157 BTN A C6  1 
HETATM 625 C C5  . BTN B 2 .  ? 2.829   5.253   10.057  1.00 11.61 ? 157 BTN A C5  1 
HETATM 626 N N1  . BTN B 2 .  ? 2.515   6.462   9.313   1.00 11.28 ? 157 BTN A N1  1 
HETATM 627 C C3  . BTN B 2 .  ? 1.747   7.323   9.979   1.00 14.49 ? 157 BTN A C3  1 
HETATM 628 O O3  . BTN B 2 .  ? 1.267   8.364   9.540   1.00 13.78 ? 157 BTN A O3  1 
HETATM 629 N N2  . BTN B 2 .  ? 1.520   6.791   11.182  1.00 14.76 ? 157 BTN A N2  1 
HETATM 630 C C4  . BTN B 2 .  ? 2.125   5.478   11.369  1.00 11.16 ? 157 BTN A C4  1 
HETATM 631 O O   . HOH C 3 .  ? -7.503  5.530   -5.586  0.5  21.71 ? 201 HOH A O   1 
HETATM 632 O O   . HOH C 3 .  ? 1.511   5.725   -0.038  1.00 5.41  ? 202 HOH A O   1 
HETATM 633 O O   . HOH C 3 .  ? -2.929  9.446   -5.035  1.00 15.43 ? 203 HOH A O   1 
HETATM 634 O O   . HOH C 3 .  ? -4.114  -6.753  14.354  1.00 36.28 ? 204 HOH A O   1 
HETATM 635 O O   . HOH C 3 .  ? -9.834  -2.596  0.073   1.00 12.59 ? 206 HOH A O   1 
HETATM 636 O O   . HOH C 3 .  ? -0.368  -8.958  -2.849  1.00 18.63 ? 207 HOH A O   1 
HETATM 637 O O   . HOH C 3 .  ? -1.912  -11.325 1.399   1.00 15.77 ? 209 HOH A O   1 
HETATM 638 O O   . HOH C 3 .  ? -9.921  4.719   -2.628  1.00 22.05 ? 210 HOH A O   1 
HETATM 639 O O   . HOH C 3 .  ? -6.766  9.705   5.665   1.00 30.54 ? 213 HOH A O   1 
HETATM 640 O O   . HOH C 3 .  ? 1.684   -7.804  0.232   1.00 27.97 ? 214 HOH A O   1 
HETATM 641 O O   . HOH C 3 .  ? 11.645  -0.439  0.171   1.00 42.64 ? 215 HOH A O   1 
HETATM 642 O O   . HOH C 3 .  ? 6.049   -6.442  0.884   1.00 21.32 ? 216 HOH A O   1 
HETATM 643 O O   . HOH C 3 .  ? 11.057  2.484   2.745   1.00 38.54 ? 217 HOH A O   1 
HETATM 644 O O   . HOH C 3 .  ? 8.010   1.817   -14.326 1.00 64.83 ? 218 HOH A O   1 
HETATM 645 O O   . HOH C 3 .  ? -0.468  -6.010  22.236  1.00 43.38 ? 220 HOH A O   1 
HETATM 646 O O   . HOH C 3 .  ? 13.513  1.345   -3.262  1.00 38.18 ? 222 HOH A O   1 
HETATM 647 O O   . HOH C 3 .  ? -13.893 8.504   4.027   1.00 29.14 ? 223 HOH A O   1 
HETATM 648 O O   . HOH C 3 .  ? 8.658   -10.274 -7.510  1.00 58.91 ? 224 HOH A O   1 
HETATM 649 O O   . HOH C 3 .  ? -7.352  -3.440  12.571  1.00 38.91 ? 226 HOH A O   1 
HETATM 650 O O   . HOH C 3 .  ? 7.719   0.036   15.977  1.00 35.54 ? 227 HOH A O   1 
HETATM 651 O O   . HOH C 3 .  ? 9.691   -1.787  9.145   1.00 46.82 ? 229 HOH A O   1 
HETATM 652 O O   . HOH C 3 .  ? -10.450 -1.240  4.795   1.00 18.91 ? 231 HOH A O   1 
HETATM 653 O O   . HOH C 3 .  ? 1.410   -13.078 5.707   1.00 34.73 ? 236 HOH A O   1 
HETATM 654 O O   . HOH C 3 .  ? -4.941  6.648   0.547   1.00 19.00 ? 251 HOH A O   1 
HETATM 655 O O   . HOH C 3 .  ? -4.258  10.474  -1.874  1.00 22.02 ? 252 HOH A O   1 
HETATM 656 O O   . HOH C 3 .  ? -11.240 -4.142  6.512   1.00 25.14 ? 254 HOH A O   1 
HETATM 657 O O   . HOH C 3 .  ? -8.989  7.182   -1.733  1.00 24.54 ? 255 HOH A O   1 
HETATM 658 O O   . HOH C 3 .  ? -9.780  -10.038 2.778   1.00 39.14 ? 257 HOH A O   1 
HETATM 659 O O   . HOH C 3 .  ? -2.679  5.925   -13.287 1.00 31.91 ? 258 HOH A O   1 
HETATM 660 O O   . HOH C 3 .  ? -11.137 -4.837  9.158   1.00 33.83 ? 260 HOH A O   1 
HETATM 661 O O   . HOH C 3 .  ? 14.333  -2.336  -9.065  1.00 39.02 ? 261 HOH A O   1 
HETATM 662 O O   . HOH C 3 .  ? 7.832   1.448   13.493  1.00 33.43 ? 262 HOH A O   1 
HETATM 663 O O   . HOH C 3 .  ? -9.837  -13.315 3.518   1.00 57.00 ? 263 HOH A O   1 
HETATM 664 O O   . HOH C 3 .  ? 8.200   13.527  3.651   1.00 38.37 ? 264 HOH A O   1 
HETATM 665 O O   . HOH C 3 .  ? 0.957   13.566  6.240   1.00 57.91 ? 265 HOH A O   1 
HETATM 666 O O   . HOH C 3 .  ? -7.624  -15.413 2.691   1.00 36.83 ? 266 HOH A O   1 
HETATM 667 O O   . HOH C 3 .  ? 3.371   -9.994  7.916   1.00 44.90 ? 267 HOH A O   1 
HETATM 668 O O   . HOH C 3 .  ? -11.683 0.958   3.931   1.00 46.05 ? 270 HOH A O   1 
HETATM 669 O O   . HOH C 3 .  ? 4.015   -3.843  20.943  1.00 59.03 ? 271 HOH A O   1 
HETATM 670 O O   . HOH C 3 .  ? 9.529   -6.797  -3.295  1.00 41.62 ? 272 HOH A O   1 
HETATM 671 O O   . HOH C 3 .  ? -12.283 -0.766  -3.655  1.00 34.70 ? 274 HOH A O   1 
HETATM 672 O O   . HOH C 3 .  ? 10.710  -9.183  -5.830  1.00 64.80 ? 276 HOH A O   1 
HETATM 673 O O   . HOH C 3 .  ? -8.726  -4.949  10.810  1.00 35.60 ? 279 HOH A O   1 
HETATM 674 O O   . HOH C 3 .  ? 10.817  -3.503  3.823   1.00 58.87 ? 282 HOH A O   1 
HETATM 675 O O   . HOH C 3 .  ? 0.296   -13.404 2.512   1.00 52.57 ? 302 HOH A O   1 
HETATM 676 O O   . HOH C 3 .  ? 8.967   -4.010  7.334   1.00 28.83 ? 303 HOH A O   1 
HETATM 677 O O   . HOH C 3 .  ? -0.496  8.197   12.804  1.00 35.19 ? 304 HOH A O   1 
HETATM 678 O O   . HOH C 3 .  ? 1.849   13.218  -0.019  1.00 27.76 ? 305 HOH A O   1 
HETATM 679 O O   . HOH C 3 .  ? -1.130  -11.217 -1.473  1.00 47.30 ? 306 HOH A O   1 
HETATM 680 O O   . HOH C 3 .  ? -12.093 5.474   4.608   1.00 32.67 ? 308 HOH A O   1 
HETATM 681 O O   . HOH C 3 .  ? 3.994   -7.261  -1.802  1.00 38.50 ? 309 HOH A O   1 
HETATM 682 O O   . HOH C 3 .  ? -1.077  9.597   10.382  1.00 38.39 ? 311 HOH A O   1 
HETATM 683 O O   . HOH C 3 .  ? 2.780   1.130   -16.273 1.00 34.25 ? 312 HOH A O   1 
HETATM 684 O O   . HOH C 3 .  ? -11.626 -4.012  -1.193  1.00 40.91 ? 314 HOH A O   1 
HETATM 685 O O   . HOH C 3 .  ? 0.996   -2.496  -18.258 1.00 65.58 ? 316 HOH A O   1 
HETATM 686 O O   . HOH C 3 .  ? -5.507  -10.373 -6.450  1.00 32.73 ? 317 HOH A O   1 
HETATM 687 O O   . HOH C 3 .  ? -10.606 3.436   3.294   1.00 20.31 ? 321 HOH A O   1 
HETATM 688 O O   . HOH C 3 .  ? 2.276   -8.799  -3.476  1.00 54.20 ? 322 HOH A O   1 
HETATM 689 O O   . HOH C 3 .  ? 3.249   2.150   -19.326 1.00 51.62 ? 323 HOH A O   1 
HETATM 690 O O   . HOH C 3 .  ? -0.720  8.144   6.629   1.00 28.19 ? 326 HOH A O   1 
HETATM 691 O O   . HOH C 3 .  ? -1.660  11.951  -0.494  1.00 50.14 ? 327 HOH A O   1 
HETATM 692 O O   . HOH C 3 .  ? -0.753  10.788  1.967   1.00 46.22 ? 328 HOH A O   1 
HETATM 693 O O   . HOH C 3 .  ? 13.345  -0.477  -5.457  1.00 33.26 ? 329 HOH A O   1 
HETATM 694 O O   . HOH C 3 .  ? 13.303  2.613   -7.223  1.00 48.32 ? 330 HOH A O   1 
HETATM 695 O O   . HOH C 3 .  ? 15.788  1.330   -4.921  1.00 63.66 ? 331 HOH A O   1 
HETATM 696 O O   . HOH C 3 .  ? 7.655   9.711   -1.947  1.00 38.75 ? 334 HOH A O   1 
HETATM 697 O O   . HOH C 3 .  ? -4.608  3.208   -17.429 1.00 54.96 ? 335 HOH A O   1 
HETATM 698 O O   . HOH C 3 .  ? -2.742  2.535   -14.524 1.00 43.32 ? 336 HOH A O   1 
HETATM 699 O O   . HOH C 3 .  ? -5.590  5.849   -12.755 1.00 32.01 ? 337 HOH A O   1 
HETATM 700 O O   . HOH C 3 .  ? -13.029 -9.649  9.713   1.00 35.84 ? 339 HOH A O   1 
HETATM 701 O O   . HOH C 3 .  ? 2.708   10.094  17.248  1.00 48.75 ? 340 HOH A O   1 
HETATM 702 O O   . HOH C 3 .  ? 16.503  -2.207  -5.592  1.00 58.18 ? 351 HOH A O   1 
HETATM 703 O O   . HOH C 3 .  ? 0.705   13.055  3.393   1.00 43.41 ? 353 HOH A O   1 
HETATM 704 O O   . HOH C 3 .  ? -1.043  12.413  9.696   1.00 48.83 ? 354 HOH A O   1 
# 
